data_4RER
#
_entry.id   4RER
#
_cell.length_a   132.566
_cell.length_b   132.566
_cell.length_c   195.392
_cell.angle_alpha   90.00
_cell.angle_beta   90.00
_cell.angle_gamma   120.00
#
_symmetry.space_group_name_H-M   'P 32 2 1'
#
loop_
_entity.id
_entity.type
_entity.pdbx_description
1 polymer "5'-AMP-activated protein kinase catalytic subunit alpha-1"
2 polymer "5'-AMP-activated protein kinase subunit beta-2"
3 polymer "5'-AMP-activated protein kinase subunit gamma-1"
4 branched Cycloheptakis-(1-4)-(alpha-D-glucopyranose)
5 non-polymer STAUROSPORINE
6 non-polymer '4-(2-HYDROXYETHYL)-1-PIPERAZINE ETHANESULFONIC ACID'
7 non-polymer 'ADENOSINE MONOPHOSPHATE'
#
loop_
_entity_poly.entity_id
_entity_poly.type
_entity_poly.pdbx_seq_one_letter_code
_entity_poly.pdbx_strand_id
1 'polypeptide(L)'
;GSVKIGHYILGDTLGVGTFGKVKVGKHELTGHKVAVKILNRQKIRSLDVVGKIRREIQNLKLFRHPHIIKLYQVISTPSD
IFMVMEYVSGGELFDYICKNGRLDEKESRRLFQQILSGVDYCHRHMVVHRDLKPENVLLDAHMNAKIADFGLSNMMSDGE
FLR(TPO)SCGSPNYAAPEVISGRLYAGPEVDIWSSGVILYALLCGTLPFDDDHVPTLFKKICDGIFYTPQYLNPSVISL
LKHMLQVDPMKRASIKDIREHEWFKQDLPKYLFPEDPSYSSTMIDDEALKEVCEKFECSEEEVLSCLYNRNHQDPLAVAY
HLIIDNRRIMNEAKDFYLATSPPDSFLDDHHLTRPHPERVPFLVAETPRARHTLDELNPQKSKHQGVRKAKWHLGIRSQS
RPNDIMAEVCRAIKQLDYEWKVVNPYYLRVRRKNPVTSTYSKMSLQLYQVDSRTYLLDFRSIDDGITAAASGTATPQRSG
SVSNYRSCQRSDSDAEAQGKSSEVSLTSSVTSLDSSPVDLTPRPGSHTIEFFEMCANLIKILAQ
;
A
2 'polypeptide(L)'
;ARPTVIRWSEGGKEVFISGSFNNWSTKIPLIK(SEP)HNDFVAILDLPEGEHQYKFFVDGQWVHDPSEPVVTSQLGTINN
LIHVKKSDFEVFDALKLDSMESSETSCRDLSSSPPGPYGQEMYAFRSEERFKSPPILPPHLLQVILNKDTNISCDPALLP
EPNHVMLNHLYALSIKDSVMVLSATHRYKKKYVTTLLYKPI
;
B
3 'polypeptide(L)'
;SNNSVYTSFMKSHRCYDLIPTSSKLVVFDTSLQVKKAFFALVTNGVRAAPLWDSKKQSFVGMLTITDFINILHRYYKSAL
VQIYELEEHKIETWREVYLQDSFKPLVCISPNASLFDAVSSLIRNKIHRLPVIDPESGNTLYILTHKRILKFLKLFITEF
PKPEFMSKSLEELQIGTYANIAMVRTTTPVYVALGIFVQHRVSALPVVDEKGRVVDIYSKFDVINLAAEKTYNNLDVSVT
KALQHRSHYFEGVLKCYLHETLETIINRLVEAEVHRLVVVDENDVVKGIVSLSDILQALVLTGG
;
G
#
loop_
_chem_comp.id
_chem_comp.type
_chem_comp.name
_chem_comp.formula
AMP non-polymer 'ADENOSINE MONOPHOSPHATE' 'C10 H14 N5 O7 P'
EPE non-polymer '4-(2-HYDROXYETHYL)-1-PIPERAZINE ETHANESULFONIC ACID' 'C8 H18 N2 O4 S'
GLC D-saccharide, alpha linking alpha-D-glucopyranose 'C6 H12 O6'
STU non-polymer STAUROSPORINE 'C28 H26 N4 O3'
#
# COMPACT_ATOMS: atom_id res chain seq x y z
N GLY A 1 -0.65 5.78 -52.33
CA GLY A 1 -1.75 6.62 -51.90
C GLY A 1 -1.43 7.42 -50.64
N SER A 2 -2.23 7.21 -49.60
CA SER A 2 -2.02 7.88 -48.31
C SER A 2 -2.33 6.96 -47.13
N VAL A 3 -1.50 7.02 -46.09
CA VAL A 3 -1.63 6.13 -44.94
C VAL A 3 -2.88 6.44 -44.14
N LYS A 4 -3.56 5.40 -43.64
CA LYS A 4 -4.70 5.58 -42.76
C LYS A 4 -4.90 4.39 -41.82
N ILE A 5 -5.47 4.65 -40.65
CA ILE A 5 -5.77 3.60 -39.66
C ILE A 5 -7.25 3.62 -39.36
N GLY A 6 -7.92 2.49 -39.58
CA GLY A 6 -9.35 2.42 -39.36
C GLY A 6 -10.05 3.40 -40.29
N HIS A 7 -10.82 4.31 -39.72
CA HIS A 7 -11.42 5.40 -40.47
C HIS A 7 -10.63 6.70 -40.39
N TYR A 8 -9.46 6.66 -39.74
CA TYR A 8 -8.63 7.85 -39.58
C TYR A 8 -7.46 7.90 -40.58
N ILE A 9 -7.37 8.99 -41.34
CA ILE A 9 -6.26 9.19 -42.28
C ILE A 9 -5.17 10.06 -41.65
N LEU A 10 -3.91 9.70 -41.88
CA LEU A 10 -2.81 10.42 -41.27
C LEU A 10 -2.52 11.70 -42.03
N GLY A 11 -2.38 12.77 -41.25
CA GLY A 11 -2.08 14.12 -41.72
C GLY A 11 -0.67 14.64 -41.48
N ASP A 12 -0.65 15.92 -41.13
CA ASP A 12 0.56 16.63 -40.72
C ASP A 12 1.23 16.03 -39.48
N THR A 13 2.55 16.18 -39.39
CA THR A 13 3.32 15.67 -38.26
C THR A 13 3.21 16.55 -37.01
N LEU A 14 2.95 15.94 -35.86
CA LEU A 14 2.94 16.65 -34.59
C LEU A 14 4.33 16.80 -33.98
N GLY A 15 5.11 15.73 -33.98
CA GLY A 15 6.41 15.73 -33.30
C GLY A 15 7.21 14.45 -33.41
N VAL A 16 8.43 14.47 -32.89
CA VAL A 16 9.35 13.34 -33.02
C VAL A 16 9.13 12.23 -31.99
N GLY A 17 8.79 12.60 -30.77
CA GLY A 17 8.51 11.61 -29.73
C GLY A 17 9.74 10.89 -29.20
N THR A 18 9.50 9.82 -28.46
CA THR A 18 10.59 9.04 -27.85
C THR A 18 11.09 7.94 -28.80
N PHE A 19 10.19 7.02 -29.10
CA PHE A 19 10.48 5.84 -29.91
C PHE A 19 10.26 6.15 -31.40
N GLY A 20 9.06 6.62 -31.74
CA GLY A 20 8.74 6.96 -33.10
C GLY A 20 7.86 8.19 -33.18
N LYS A 21 7.71 8.74 -34.38
CA LYS A 21 7.10 10.05 -34.53
C LYS A 21 5.60 10.01 -34.32
N VAL A 22 4.95 11.17 -34.35
CA VAL A 22 3.51 11.26 -34.14
C VAL A 22 2.86 12.24 -35.13
N LYS A 23 1.71 11.85 -35.66
CA LYS A 23 0.99 12.69 -36.61
C LYS A 23 -0.48 12.85 -36.20
N VAL A 24 -1.24 13.66 -36.94
CA VAL A 24 -2.65 13.84 -36.67
C VAL A 24 -3.49 12.92 -37.55
N GLY A 25 -4.47 12.26 -36.97
CA GLY A 25 -5.43 11.49 -37.75
C GLY A 25 -6.67 12.31 -38.03
N LYS A 26 -7.39 11.98 -39.08
CA LYS A 26 -8.65 12.65 -39.36
C LYS A 26 -9.70 11.65 -39.83
N HIS A 27 -10.84 11.60 -39.15
CA HIS A 27 -11.89 10.65 -39.48
C HIS A 27 -12.45 10.92 -40.87
N GLU A 28 -12.49 9.89 -41.71
CA GLU A 28 -12.94 10.01 -43.08
C GLU A 28 -14.31 10.66 -43.19
N LEU A 29 -15.18 10.33 -42.23
CA LEU A 29 -16.58 10.75 -42.29
C LEU A 29 -16.81 12.03 -41.50
N THR A 30 -16.71 11.93 -40.18
CA THR A 30 -17.01 13.05 -39.29
C THR A 30 -15.97 14.15 -39.34
N GLY A 31 -14.70 13.77 -39.33
CA GLY A 31 -13.63 14.75 -39.24
C GLY A 31 -13.07 14.94 -37.85
N HIS A 32 -13.20 13.94 -36.99
CA HIS A 32 -12.58 14.01 -35.67
C HIS A 32 -11.06 13.96 -35.77
N LYS A 33 -10.37 14.53 -34.77
CA LYS A 33 -8.91 14.60 -34.77
C LYS A 33 -8.32 13.72 -33.67
N VAL A 34 -7.37 12.87 -34.01
CA VAL A 34 -6.68 12.05 -33.02
C VAL A 34 -5.18 12.04 -33.24
N ALA A 35 -4.41 12.01 -32.16
CA ALA A 35 -2.96 11.95 -32.26
C ALA A 35 -2.49 10.50 -32.22
N VAL A 36 -1.72 10.09 -33.23
CA VAL A 36 -1.21 8.72 -33.31
C VAL A 36 0.30 8.63 -33.07
N LYS A 37 0.69 7.63 -32.27
CA LYS A 37 2.10 7.40 -32.02
C LYS A 37 2.51 6.19 -32.83
N ILE A 38 3.32 6.43 -33.85
CA ILE A 38 3.74 5.36 -34.75
C ILE A 38 5.08 4.78 -34.30
N LEU A 39 5.05 3.55 -33.81
CA LEU A 39 6.27 2.86 -33.42
C LEU A 39 6.59 1.79 -34.44
N ASN A 40 7.64 2.02 -35.23
CA ASN A 40 8.00 1.12 -36.32
C ASN A 40 8.56 -0.20 -35.80
N ARG A 41 8.03 -1.29 -36.31
CA ARG A 41 8.46 -2.63 -35.91
C ARG A 41 9.96 -2.82 -36.10
N GLN A 42 10.46 -2.46 -37.29
CA GLN A 42 11.89 -2.59 -37.60
C GLN A 42 12.79 -1.89 -36.58
N LYS A 43 12.35 -0.72 -36.13
CA LYS A 43 13.14 0.07 -35.17
C LYS A 43 13.05 -0.50 -33.75
N ILE A 44 11.84 -0.84 -33.32
CA ILE A 44 11.64 -1.32 -31.96
C ILE A 44 12.13 -2.77 -31.79
N ARG A 45 12.24 -3.49 -32.91
CA ARG A 45 12.78 -4.85 -32.88
C ARG A 45 14.27 -4.84 -32.55
N SER A 46 14.97 -3.83 -33.06
CA SER A 46 16.41 -3.72 -32.89
C SER A 46 16.79 -3.74 -31.41
N LEU A 47 16.24 -2.79 -30.66
CA LEU A 47 16.40 -2.73 -29.22
C LEU A 47 15.46 -3.73 -28.54
N ASP A 48 15.77 -4.03 -27.28
CA ASP A 48 14.96 -4.90 -26.43
C ASP A 48 13.91 -4.11 -25.64
N VAL A 49 13.60 -2.91 -26.12
CA VAL A 49 12.62 -2.02 -25.50
C VAL A 49 11.18 -2.48 -25.71
N VAL A 50 11.00 -3.67 -26.29
CA VAL A 50 9.67 -4.28 -26.41
C VAL A 50 8.89 -4.28 -25.08
N GLY A 51 9.60 -4.41 -23.96
CA GLY A 51 8.98 -4.34 -22.65
C GLY A 51 8.74 -2.89 -22.25
N LYS A 52 9.62 -2.00 -22.69
CA LYS A 52 9.49 -0.57 -22.43
C LYS A 52 8.19 -0.02 -23.00
N ILE A 53 7.84 -0.48 -24.20
CA ILE A 53 6.61 -0.08 -24.87
C ILE A 53 5.40 -0.84 -24.34
N ARG A 54 5.61 -2.09 -23.97
CA ARG A 54 4.54 -2.92 -23.42
C ARG A 54 3.95 -2.29 -22.15
N ARG A 55 4.82 -1.95 -21.20
CA ARG A 55 4.42 -1.39 -19.92
C ARG A 55 3.66 -0.09 -20.12
N GLU A 56 4.09 0.69 -21.12
CA GLU A 56 3.50 2.00 -21.37
C GLU A 56 2.04 1.88 -21.76
N ILE A 57 1.77 1.08 -22.79
CA ILE A 57 0.42 0.87 -23.28
C ILE A 57 -0.45 0.20 -22.23
N GLN A 58 0.14 -0.74 -21.49
CA GLN A 58 -0.56 -1.44 -20.42
C GLN A 58 -1.13 -0.47 -19.39
N ASN A 59 -0.32 0.51 -19.00
CA ASN A 59 -0.72 1.50 -18.01
C ASN A 59 -1.68 2.55 -18.55
N LEU A 60 -1.34 3.13 -19.70
CA LEU A 60 -2.12 4.18 -20.31
C LEU A 60 -3.52 3.74 -20.73
N LYS A 61 -3.70 2.43 -20.91
CA LYS A 61 -4.97 1.88 -21.39
C LYS A 61 -6.13 2.17 -20.44
N LEU A 62 -5.92 1.87 -19.17
CA LEU A 62 -6.96 1.98 -18.15
C LEU A 62 -6.94 3.36 -17.47
N PHE A 63 -6.21 4.30 -18.06
CA PHE A 63 -6.12 5.66 -17.51
C PHE A 63 -7.17 6.65 -18.04
N ARG A 64 -8.05 7.13 -17.16
CA ARG A 64 -9.01 8.18 -17.49
C ARG A 64 -8.87 9.39 -16.57
N HIS A 65 -8.36 10.49 -17.11
CA HIS A 65 -8.26 11.73 -16.37
C HIS A 65 -8.37 12.89 -17.35
N PRO A 66 -9.02 13.99 -16.95
CA PRO A 66 -9.16 15.15 -17.83
C PRO A 66 -7.84 15.76 -18.25
N HIS A 67 -6.85 15.72 -17.37
CA HIS A 67 -5.51 16.21 -17.69
C HIS A 67 -4.45 15.18 -18.10
N ILE A 68 -4.83 13.90 -18.16
CA ILE A 68 -3.96 12.87 -18.70
C ILE A 68 -4.43 12.49 -20.09
N ILE A 69 -3.52 12.51 -21.07
CA ILE A 69 -3.92 12.21 -22.42
C ILE A 69 -4.46 10.79 -22.45
N LYS A 70 -5.74 10.68 -22.81
CA LYS A 70 -6.47 9.43 -22.67
C LYS A 70 -6.18 8.56 -23.89
N LEU A 71 -5.80 7.32 -23.64
CA LEU A 71 -5.49 6.39 -24.73
C LEU A 71 -6.73 5.66 -25.18
N TYR A 72 -7.18 5.95 -26.39
CA TYR A 72 -8.43 5.39 -26.90
C TYR A 72 -8.31 3.93 -27.33
N GLN A 73 -7.35 3.65 -28.21
CA GLN A 73 -7.08 2.28 -28.66
C GLN A 73 -5.68 2.16 -29.24
N VAL A 74 -5.18 0.93 -29.36
CA VAL A 74 -3.89 0.71 -29.95
C VAL A 74 -3.96 -0.37 -31.04
N ILE A 75 -3.77 0.03 -32.29
CA ILE A 75 -3.82 -0.89 -33.42
C ILE A 75 -2.41 -1.17 -33.89
N SER A 76 -2.14 -2.40 -34.30
CA SER A 76 -0.79 -2.75 -34.74
C SER A 76 -0.77 -3.78 -35.87
N THR A 77 0.32 -3.75 -36.62
CA THR A 77 0.50 -4.57 -37.82
C THR A 77 2.00 -4.89 -38.00
N PRO A 78 2.33 -5.96 -38.75
CA PRO A 78 3.73 -6.31 -39.05
C PRO A 78 4.60 -5.13 -39.53
N SER A 79 3.98 -4.11 -40.11
CA SER A 79 4.70 -2.90 -40.52
C SER A 79 5.07 -2.04 -39.31
N ASP A 80 4.07 -1.51 -38.61
CA ASP A 80 4.32 -0.63 -37.46
C ASP A 80 3.17 -0.60 -36.44
N ILE A 81 3.50 -0.25 -35.20
CA ILE A 81 2.52 -0.09 -34.12
C ILE A 81 1.88 1.29 -34.16
N PHE A 82 0.60 1.38 -33.79
CA PHE A 82 -0.09 2.67 -33.69
C PHE A 82 -0.75 2.86 -32.33
N MET A 83 -0.73 4.09 -31.82
CA MET A 83 -1.51 4.42 -30.64
C MET A 83 -2.31 5.71 -30.84
N VAL A 84 -3.64 5.62 -30.97
CA VAL A 84 -4.45 6.82 -31.15
C VAL A 84 -4.68 7.48 -29.79
N MET A 85 -4.67 8.81 -29.78
CA MET A 85 -4.80 9.56 -28.53
C MET A 85 -5.68 10.78 -28.73
N GLU A 86 -6.04 11.45 -27.64
CA GLU A 86 -6.80 12.68 -27.75
C GLU A 86 -5.91 13.81 -28.24
N TYR A 87 -6.28 14.40 -29.38
CA TYR A 87 -5.53 15.51 -29.95
C TYR A 87 -5.95 16.83 -29.32
N VAL A 88 -4.99 17.72 -29.13
CA VAL A 88 -5.26 19.03 -28.55
C VAL A 88 -4.57 20.15 -29.34
N SER A 89 -5.20 21.32 -29.38
CA SER A 89 -4.75 22.42 -30.23
C SER A 89 -3.62 23.28 -29.67
N GLY A 90 -3.65 23.57 -28.36
CA GLY A 90 -2.71 24.48 -27.74
C GLY A 90 -1.23 24.17 -27.91
N GLY A 91 -0.89 22.89 -28.02
CA GLY A 91 0.51 22.50 -28.18
C GLY A 91 1.17 22.30 -26.83
N GLU A 92 2.49 22.18 -26.81
CA GLU A 92 3.19 21.97 -25.55
C GLU A 92 3.23 23.26 -24.71
N LEU A 93 3.36 23.09 -23.39
CA LEU A 93 3.37 24.21 -22.45
C LEU A 93 4.59 25.11 -22.62
N PHE A 94 5.71 24.54 -23.04
CA PHE A 94 6.94 25.30 -23.26
C PHE A 94 6.77 26.33 -24.37
N ASP A 95 5.89 26.02 -25.33
CA ASP A 95 5.50 26.97 -26.36
C ASP A 95 4.68 28.07 -25.72
N TYR A 96 3.81 27.71 -24.76
CA TYR A 96 2.96 28.69 -24.08
C TYR A 96 3.74 29.56 -23.10
N ILE A 97 4.70 28.97 -22.40
CA ILE A 97 5.55 29.71 -21.49
C ILE A 97 6.36 30.79 -22.24
N CYS A 98 7.14 30.35 -23.21
CA CYS A 98 8.03 31.22 -23.96
C CYS A 98 7.27 32.32 -24.68
N LYS A 99 6.20 31.94 -25.36
CA LYS A 99 5.37 32.89 -26.12
C LYS A 99 4.72 33.92 -25.21
N ASN A 100 4.29 33.47 -24.03
CA ASN A 100 3.63 34.35 -23.07
C ASN A 100 4.59 34.90 -22.02
N GLY A 101 5.88 34.62 -22.17
CA GLY A 101 6.85 35.09 -21.19
C GLY A 101 6.71 34.42 -19.84
N ARG A 102 6.36 35.20 -18.83
CA ARG A 102 6.15 34.69 -17.49
C ARG A 102 4.65 34.65 -17.17
N LEU A 103 4.20 33.65 -16.43
CA LEU A 103 2.79 33.53 -16.06
C LEU A 103 2.55 34.06 -14.65
N ASP A 104 1.42 34.73 -14.46
CA ASP A 104 1.06 35.30 -13.16
C ASP A 104 0.55 34.24 -12.19
N GLU A 105 0.24 34.65 -10.97
CA GLU A 105 -0.17 33.70 -9.93
C GLU A 105 -1.54 33.10 -10.22
N LYS A 106 -2.47 33.93 -10.67
CA LYS A 106 -3.84 33.48 -10.97
C LYS A 106 -3.85 32.37 -12.03
N GLU A 107 -2.93 32.46 -12.98
CA GLU A 107 -2.81 31.49 -14.06
C GLU A 107 -1.96 30.29 -13.64
N SER A 108 -0.71 30.55 -13.28
CA SER A 108 0.24 29.51 -12.88
C SER A 108 -0.35 28.56 -11.84
N ARG A 109 -1.05 29.12 -10.86
CA ARG A 109 -1.68 28.31 -9.82
C ARG A 109 -2.68 27.35 -10.45
N ARG A 110 -3.46 27.86 -11.41
CA ARG A 110 -4.47 27.05 -12.09
C ARG A 110 -3.85 25.83 -12.75
N LEU A 111 -2.82 26.06 -13.56
CA LEU A 111 -2.22 24.99 -14.32
C LEU A 111 -1.51 23.98 -13.42
N PHE A 112 -0.80 24.46 -12.41
CA PHE A 112 -0.06 23.58 -11.52
C PHE A 112 -0.99 22.60 -10.80
N GLN A 113 -2.16 23.10 -10.40
CA GLN A 113 -3.18 22.27 -9.77
C GLN A 113 -3.61 21.12 -10.69
N GLN A 114 -3.76 21.44 -11.98
CA GLN A 114 -4.20 20.47 -12.96
C GLN A 114 -3.15 19.40 -13.19
N ILE A 115 -1.88 19.82 -13.29
CA ILE A 115 -0.79 18.89 -13.53
C ILE A 115 -0.54 18.02 -12.31
N LEU A 116 -0.60 18.62 -11.12
CA LEU A 116 -0.35 17.90 -9.90
C LEU A 116 -1.45 16.87 -9.65
N SER A 117 -2.66 17.15 -10.13
CA SER A 117 -3.77 16.20 -10.00
C SER A 117 -3.53 15.04 -10.94
N GLY A 118 -2.84 15.33 -12.03
CA GLY A 118 -2.45 14.31 -12.98
C GLY A 118 -1.43 13.36 -12.39
N VAL A 119 -0.37 13.89 -11.81
CA VAL A 119 0.67 13.03 -11.27
C VAL A 119 0.20 12.32 -10.00
N ASP A 120 -0.79 12.90 -9.33
CA ASP A 120 -1.39 12.28 -8.15
C ASP A 120 -2.16 11.04 -8.58
N TYR A 121 -2.94 11.21 -9.65
CA TYR A 121 -3.68 10.11 -10.27
C TYR A 121 -2.73 8.99 -10.65
N CYS A 122 -1.59 9.36 -11.21
CA CYS A 122 -0.58 8.40 -11.61
C CYS A 122 0.02 7.68 -10.42
N HIS A 123 0.40 8.44 -9.40
CA HIS A 123 1.02 7.86 -8.22
C HIS A 123 0.08 6.91 -7.47
N ARG A 124 -1.20 7.24 -7.47
CA ARG A 124 -2.20 6.40 -6.80
C ARG A 124 -2.46 5.14 -7.60
N HIS A 125 -2.14 5.17 -8.88
CA HIS A 125 -2.31 4.01 -9.74
C HIS A 125 -1.01 3.20 -9.85
N MET A 126 -0.02 3.59 -9.03
CA MET A 126 1.27 2.89 -8.99
C MET A 126 2.03 2.96 -10.32
N VAL A 127 1.96 4.11 -10.98
CA VAL A 127 2.76 4.36 -12.18
C VAL A 127 3.37 5.76 -12.16
N VAL A 128 4.69 5.84 -12.32
CA VAL A 128 5.36 7.13 -12.23
C VAL A 128 5.76 7.66 -13.59
N HIS A 129 5.70 8.96 -13.76
CA HIS A 129 6.11 9.57 -15.00
C HIS A 129 7.44 10.27 -14.75
N ARG A 130 8.53 9.68 -15.22
CA ARG A 130 9.85 10.15 -14.81
C ARG A 130 10.23 11.42 -15.53
N ASP A 131 9.87 11.50 -16.81
CA ASP A 131 10.26 12.65 -17.60
C ASP A 131 9.13 13.68 -17.55
N LEU A 132 9.29 14.70 -16.72
CA LEU A 132 8.26 15.69 -16.52
C LEU A 132 8.83 17.04 -16.93
N LYS A 133 8.07 17.79 -17.70
CA LYS A 133 8.54 19.03 -18.29
C LYS A 133 7.40 19.73 -19.03
N PRO A 134 7.50 21.05 -19.18
CA PRO A 134 6.47 21.79 -19.92
C PRO A 134 6.42 21.35 -21.38
N GLU A 135 7.55 20.84 -21.88
CA GLU A 135 7.62 20.30 -23.22
C GLU A 135 6.87 18.97 -23.33
N ASN A 136 6.52 18.38 -22.18
CA ASN A 136 5.71 17.15 -22.14
C ASN A 136 4.24 17.32 -21.81
N VAL A 137 3.80 18.53 -21.47
CA VAL A 137 2.39 18.73 -21.12
C VAL A 137 1.70 19.66 -22.12
N LEU A 138 0.59 19.17 -22.67
CA LEU A 138 -0.12 19.88 -23.73
C LEU A 138 -1.23 20.77 -23.18
N LEU A 139 -1.92 21.47 -24.08
CA LEU A 139 -3.07 22.31 -23.72
C LEU A 139 -4.17 22.16 -24.75
N ASP A 140 -5.40 21.96 -24.28
CA ASP A 140 -6.53 21.85 -25.20
C ASP A 140 -6.96 23.24 -25.69
N ALA A 141 -8.07 23.29 -26.43
CA ALA A 141 -8.59 24.55 -26.97
C ALA A 141 -8.95 25.53 -25.85
N HIS A 142 -9.22 25.00 -24.66
CA HIS A 142 -9.59 25.81 -23.51
C HIS A 142 -8.38 26.21 -22.67
N MET A 143 -7.19 25.88 -23.16
CA MET A 143 -5.93 26.16 -22.49
C MET A 143 -5.85 25.52 -21.10
N ASN A 144 -6.34 24.29 -20.99
CA ASN A 144 -6.19 23.49 -19.79
C ASN A 144 -4.87 22.74 -19.83
N ALA A 145 -4.66 21.81 -18.91
CA ALA A 145 -3.41 21.04 -18.88
C ALA A 145 -3.65 19.61 -19.37
N LYS A 146 -2.75 19.10 -20.19
CA LYS A 146 -2.80 17.69 -20.61
C LYS A 146 -1.40 17.05 -20.57
N ILE A 147 -1.21 16.06 -19.69
CA ILE A 147 0.05 15.32 -19.64
C ILE A 147 0.13 14.30 -20.77
N ALA A 148 1.21 14.35 -21.57
CA ALA A 148 1.25 13.59 -22.81
C ALA A 148 2.11 12.34 -22.77
N ASP A 149 3.43 12.52 -22.79
CA ASP A 149 4.37 11.41 -23.01
C ASP A 149 4.42 10.46 -21.83
N PHE A 150 4.15 9.18 -22.06
CA PHE A 150 4.41 8.16 -21.05
C PHE A 150 5.53 7.17 -21.34
N GLY A 151 6.28 7.38 -22.43
CA GLY A 151 7.27 6.41 -22.87
C GLY A 151 8.42 6.18 -21.91
N LEU A 152 8.69 7.19 -21.10
CA LEU A 152 9.78 7.12 -20.14
C LEU A 152 9.26 6.72 -18.76
N SER A 153 7.97 6.40 -18.70
CA SER A 153 7.34 6.03 -17.44
C SER A 153 7.71 4.63 -16.93
N ASN A 154 7.21 4.28 -15.75
CA ASN A 154 7.47 3.00 -15.11
C ASN A 154 6.35 2.61 -14.15
N MET A 155 6.30 1.34 -13.77
CA MET A 155 5.28 0.88 -12.84
C MET A 155 5.89 0.64 -11.45
N MET A 156 5.17 1.04 -10.40
CA MET A 156 5.66 0.91 -9.03
C MET A 156 5.24 -0.41 -8.39
N SER A 157 6.23 -1.23 -8.06
CA SER A 157 5.97 -2.54 -7.45
C SER A 157 6.14 -2.46 -5.94
N ASP A 158 5.34 -3.25 -5.22
CA ASP A 158 5.40 -3.24 -3.76
C ASP A 158 6.75 -3.74 -3.24
N GLY A 159 7.38 -2.93 -2.40
CA GLY A 159 8.66 -3.27 -1.82
C GLY A 159 9.80 -3.22 -2.82
N GLU A 160 9.63 -2.42 -3.87
CA GLU A 160 10.63 -2.33 -4.94
C GLU A 160 10.99 -0.88 -5.26
N PHE A 161 12.27 -0.65 -5.53
CA PHE A 161 12.72 0.68 -5.93
C PHE A 161 13.00 0.75 -7.43
N LEU A 162 13.34 1.93 -7.92
CA LEU A 162 13.65 2.11 -9.34
C LEU A 162 15.09 2.57 -9.52
N ARG A 163 15.85 1.80 -10.29
CA ARG A 163 17.26 2.09 -10.58
C ARG A 163 17.47 3.07 -11.75
N TPO A 164 16.67 2.90 -12.82
CA TPO A 164 16.80 3.67 -14.07
CB TPO A 164 15.76 3.21 -15.08
CG2 TPO A 164 16.21 3.68 -16.47
OG1 TPO A 164 15.70 1.79 -15.07
P TPO A 164 14.17 1.32 -15.17
O1P TPO A 164 13.67 1.48 -16.56
O2P TPO A 164 13.26 2.17 -14.15
O3P TPO A 164 14.12 -0.23 -14.73
C TPO A 164 16.67 5.16 -13.85
O TPO A 164 15.75 5.62 -13.18
N SER A 165 17.61 5.91 -14.41
CA SER A 165 17.56 7.36 -14.33
C SER A 165 17.16 7.92 -15.68
N CYS A 166 15.96 8.51 -15.75
CA CYS A 166 15.42 8.96 -17.03
C CYS A 166 14.81 10.36 -16.92
N GLY A 167 14.62 11.00 -18.08
CA GLY A 167 14.12 12.36 -18.15
C GLY A 167 15.09 13.44 -18.59
N SER A 168 14.62 14.69 -18.57
CA SER A 168 15.40 15.85 -19.01
C SER A 168 16.61 16.11 -18.11
N PRO A 169 17.61 16.84 -18.62
CA PRO A 169 18.79 17.11 -17.81
C PRO A 169 18.53 18.04 -16.62
N ASN A 170 17.73 19.08 -16.81
CA ASN A 170 17.44 20.05 -15.74
C ASN A 170 16.33 19.59 -14.78
N TYR A 171 15.42 18.77 -15.31
CA TYR A 171 14.23 18.35 -14.56
C TYR A 171 14.46 17.08 -13.76
N ALA A 172 15.59 16.44 -13.98
CA ALA A 172 15.93 15.21 -13.27
C ALA A 172 16.20 15.53 -11.80
N ALA A 173 15.59 14.75 -10.92
CA ALA A 173 15.72 14.89 -9.46
C ALA A 173 17.18 14.77 -8.99
N PRO A 174 17.50 15.38 -7.84
CA PRO A 174 18.88 15.35 -7.36
C PRO A 174 19.38 13.95 -7.06
N GLU A 175 18.46 13.03 -6.77
CA GLU A 175 18.86 11.65 -6.52
C GLU A 175 19.02 10.82 -7.80
N VAL A 176 18.26 11.14 -8.84
CA VAL A 176 18.36 10.38 -10.08
C VAL A 176 19.54 10.82 -10.94
N ILE A 177 19.95 12.07 -10.84
CA ILE A 177 21.10 12.55 -11.60
C ILE A 177 22.37 11.87 -11.09
N SER A 178 22.38 11.53 -9.81
CA SER A 178 23.54 10.90 -9.21
C SER A 178 23.52 9.40 -9.45
N GLY A 179 22.39 8.90 -9.96
CA GLY A 179 22.23 7.47 -10.20
C GLY A 179 22.04 6.66 -8.94
N ARG A 180 21.09 7.09 -8.11
CA ARG A 180 20.79 6.40 -6.87
C ARG A 180 19.39 5.82 -6.93
N LEU A 181 19.14 4.76 -6.16
CA LEU A 181 17.82 4.14 -6.09
C LEU A 181 16.77 5.10 -5.53
N TYR A 182 15.56 5.05 -6.07
CA TYR A 182 14.49 5.91 -5.62
C TYR A 182 13.14 5.21 -5.62
N ALA A 183 12.19 5.76 -4.87
CA ALA A 183 10.84 5.21 -4.76
C ALA A 183 10.03 5.48 -6.01
N GLY A 184 10.14 6.72 -6.49
CA GLY A 184 9.41 7.21 -7.64
C GLY A 184 8.32 8.26 -7.46
N PRO A 185 7.71 8.39 -6.26
CA PRO A 185 6.88 9.59 -6.13
C PRO A 185 7.73 10.87 -6.05
N GLU A 186 8.82 10.80 -5.31
CA GLU A 186 9.60 12.00 -4.98
C GLU A 186 10.28 12.58 -6.22
N VAL A 187 10.57 11.72 -7.19
CA VAL A 187 11.29 12.16 -8.37
C VAL A 187 10.38 12.96 -9.30
N ASP A 188 9.08 12.63 -9.29
CA ASP A 188 8.12 13.38 -10.09
C ASP A 188 7.78 14.69 -9.40
N ILE A 189 7.77 14.66 -8.07
CA ILE A 189 7.45 15.84 -7.30
C ILE A 189 8.52 16.90 -7.51
N TRP A 190 9.78 16.47 -7.61
CA TRP A 190 10.87 17.41 -7.83
C TRP A 190 10.78 17.99 -9.24
N SER A 191 10.38 17.15 -10.19
CA SER A 191 10.17 17.59 -11.55
C SER A 191 8.96 18.53 -11.62
N SER A 192 8.02 18.36 -10.70
CA SER A 192 6.84 19.19 -10.66
C SER A 192 7.23 20.54 -10.12
N GLY A 193 8.17 20.52 -9.19
CA GLY A 193 8.61 21.74 -8.54
C GLY A 193 9.28 22.70 -9.50
N VAL A 194 10.09 22.16 -10.39
CA VAL A 194 10.78 22.99 -11.35
C VAL A 194 9.82 23.44 -12.45
N ILE A 195 8.74 22.69 -12.65
CA ILE A 195 7.70 23.10 -13.58
C ILE A 195 6.93 24.28 -13.01
N LEU A 196 6.65 24.21 -11.71
CA LEU A 196 5.99 25.31 -11.01
C LEU A 196 6.86 26.56 -11.05
N TYR A 197 8.18 26.36 -11.01
CA TYR A 197 9.12 27.46 -11.07
C TYR A 197 9.10 28.10 -12.45
N ALA A 198 9.06 27.27 -13.48
CA ALA A 198 9.05 27.74 -14.85
C ALA A 198 7.72 28.41 -15.18
N LEU A 199 6.68 28.04 -14.44
CA LEU A 199 5.36 28.63 -14.63
C LEU A 199 5.28 30.02 -14.02
N LEU A 200 6.34 30.46 -13.35
CA LEU A 200 6.34 31.74 -12.65
C LEU A 200 7.46 32.65 -13.14
N CYS A 201 8.69 32.21 -12.97
CA CYS A 201 9.85 33.01 -13.33
C CYS A 201 10.10 33.06 -14.84
N GLY A 202 9.57 32.08 -15.57
CA GLY A 202 9.77 32.02 -17.00
C GLY A 202 11.12 31.45 -17.39
N THR A 203 11.96 31.21 -16.39
CA THR A 203 13.27 30.61 -16.58
C THR A 203 13.40 29.36 -15.72
N LEU A 204 14.37 28.50 -16.03
CA LEU A 204 14.56 27.27 -15.29
C LEU A 204 15.33 27.54 -14.00
N PRO A 205 14.96 26.86 -12.91
CA PRO A 205 15.60 27.07 -11.60
C PRO A 205 17.04 26.58 -11.59
N PHE A 206 17.27 25.43 -12.20
CA PHE A 206 18.61 24.91 -12.33
C PHE A 206 18.98 24.86 -13.80
N ASP A 207 19.86 25.75 -14.24
CA ASP A 207 20.26 25.78 -15.64
C ASP A 207 21.72 26.15 -15.80
N ASP A 208 22.43 25.40 -16.64
CA ASP A 208 23.83 25.68 -16.95
C ASP A 208 24.21 25.05 -18.28
N ASP A 209 25.22 25.60 -18.95
CA ASP A 209 25.69 25.08 -20.22
C ASP A 209 26.60 23.88 -20.00
N HIS A 210 27.47 24.01 -19.00
CA HIS A 210 28.46 22.99 -18.70
C HIS A 210 27.93 22.04 -17.62
N VAL A 211 28.13 20.74 -17.83
CA VAL A 211 27.75 19.73 -16.85
C VAL A 211 28.99 18.91 -16.47
N PRO A 212 28.99 18.25 -15.30
CA PRO A 212 28.01 18.09 -14.22
C PRO A 212 27.68 19.35 -13.41
N THR A 213 28.35 20.47 -13.67
CA THR A 213 28.11 21.69 -12.88
C THR A 213 26.61 21.99 -12.73
N LEU A 214 25.81 21.64 -13.73
CA LEU A 214 24.35 21.72 -13.57
C LEU A 214 23.89 20.73 -12.52
N PHE A 215 24.39 19.51 -12.58
CA PHE A 215 24.03 18.47 -11.62
C PHE A 215 24.54 18.82 -10.23
N LYS A 216 25.71 19.48 -10.17
CA LYS A 216 26.24 19.97 -8.91
C LYS A 216 25.41 21.14 -8.42
N LYS A 217 24.85 21.90 -9.37
CA LYS A 217 23.94 22.99 -9.05
C LYS A 217 22.63 22.41 -8.52
N ILE A 218 22.26 21.24 -9.03
CA ILE A 218 21.06 20.54 -8.59
C ILE A 218 21.26 19.84 -7.25
N CYS A 219 22.38 19.14 -7.08
CA CYS A 219 22.70 18.50 -5.81
C CYS A 219 22.64 19.49 -4.65
N ASP A 220 23.11 20.70 -4.89
CA ASP A 220 22.95 21.79 -3.93
C ASP A 220 21.55 22.39 -4.06
N GLY A 221 20.94 22.74 -2.94
CA GLY A 221 19.56 23.17 -2.93
C GLY A 221 19.43 24.65 -3.19
N ILE A 222 20.41 25.20 -3.89
CA ILE A 222 20.46 26.63 -4.14
C ILE A 222 19.82 26.98 -5.48
N PHE A 223 18.91 27.94 -5.47
CA PHE A 223 18.23 28.39 -6.68
C PHE A 223 17.73 29.83 -6.52
N TYR A 224 17.68 30.57 -7.62
CA TYR A 224 17.27 31.97 -7.60
C TYR A 224 15.78 32.11 -7.29
N THR A 225 15.46 32.83 -6.21
CA THR A 225 14.08 33.06 -5.80
C THR A 225 13.78 34.55 -5.85
N PRO A 226 13.42 35.05 -7.04
CA PRO A 226 13.20 36.50 -7.22
C PRO A 226 12.06 37.02 -6.37
N GLN A 227 12.03 38.33 -6.14
CA GLN A 227 10.97 38.99 -5.36
C GLN A 227 9.64 39.01 -6.13
N TYR A 228 9.70 38.47 -7.35
CA TYR A 228 8.57 38.34 -8.27
C TYR A 228 7.28 37.91 -7.56
N LEU A 229 7.41 36.98 -6.62
CA LEU A 229 6.26 36.40 -5.94
C LEU A 229 6.39 36.40 -4.41
N ASN A 230 5.30 36.07 -3.74
CA ASN A 230 5.22 36.05 -2.28
C ASN A 230 5.97 34.88 -1.63
N PRO A 231 6.22 34.94 -0.32
CA PRO A 231 6.94 33.85 0.35
C PRO A 231 6.18 32.53 0.45
N SER A 232 4.86 32.56 0.37
CA SER A 232 4.07 31.33 0.44
C SER A 232 4.49 30.34 -0.65
N VAL A 233 4.69 30.86 -1.86
CA VAL A 233 5.13 30.05 -2.97
C VAL A 233 6.57 29.62 -2.78
N ILE A 234 7.38 30.50 -2.20
CA ILE A 234 8.79 30.17 -1.96
C ILE A 234 8.93 29.05 -0.93
N SER A 235 8.12 29.10 0.12
CA SER A 235 8.13 28.06 1.14
C SER A 235 7.66 26.73 0.55
N LEU A 236 6.74 26.81 -0.40
CA LEU A 236 6.26 25.64 -1.12
C LEU A 236 7.38 25.06 -2.01
N LEU A 237 7.94 25.92 -2.85
CA LEU A 237 8.98 25.51 -3.78
C LEU A 237 10.19 24.94 -3.03
N LYS A 238 10.57 25.57 -1.93
CA LYS A 238 11.70 25.09 -1.15
C LYS A 238 11.44 23.73 -0.54
N HIS A 239 10.22 23.54 -0.03
CA HIS A 239 9.84 22.26 0.57
C HIS A 239 9.63 21.20 -0.51
N MET A 240 9.22 21.63 -1.70
CA MET A 240 8.98 20.72 -2.82
C MET A 240 10.28 20.32 -3.53
N LEU A 241 11.21 21.27 -3.61
CA LEU A 241 12.51 21.08 -4.25
C LEU A 241 13.63 20.71 -3.28
N GLN A 242 13.27 20.33 -2.05
CA GLN A 242 14.24 19.92 -1.04
C GLN A 242 15.19 18.83 -1.55
N VAL A 243 16.49 19.05 -1.37
CA VAL A 243 17.51 18.12 -1.87
C VAL A 243 17.40 16.74 -1.24
N ASP A 244 17.03 16.70 0.04
CA ASP A 244 16.87 15.45 0.76
C ASP A 244 15.50 14.88 0.40
N PRO A 245 15.47 13.65 -0.12
CA PRO A 245 14.19 13.05 -0.53
C PRO A 245 13.28 12.74 0.66
N MET A 246 13.88 12.54 1.83
CA MET A 246 13.11 12.26 3.03
C MET A 246 12.43 13.52 3.54
N LYS A 247 13.05 14.68 3.28
CA LYS A 247 12.48 15.96 3.69
C LYS A 247 11.61 16.58 2.60
N ARG A 248 11.50 15.90 1.46
CA ARG A 248 10.76 16.45 0.33
C ARG A 248 9.28 16.41 0.58
N ALA A 249 8.54 17.29 -0.10
CA ALA A 249 7.10 17.35 0.02
C ALA A 249 6.43 16.15 -0.65
N SER A 250 5.33 15.67 -0.04
CA SER A 250 4.52 14.62 -0.65
C SER A 250 3.37 15.26 -1.41
N ILE A 251 2.61 14.45 -2.15
CA ILE A 251 1.49 14.96 -2.92
C ILE A 251 0.48 15.56 -1.94
N LYS A 252 0.42 14.96 -0.76
CA LYS A 252 -0.48 15.40 0.28
C LYS A 252 -0.01 16.74 0.85
N ASP A 253 1.30 16.87 1.07
CA ASP A 253 1.87 18.08 1.65
C ASP A 253 1.57 19.30 0.80
N ILE A 254 1.50 19.09 -0.51
CA ILE A 254 1.20 20.17 -1.43
C ILE A 254 -0.27 20.50 -1.37
N ARG A 255 -1.10 19.48 -1.16
CA ARG A 255 -2.54 19.70 -1.01
C ARG A 255 -2.86 20.50 0.26
N GLU A 256 -2.04 20.32 1.29
CA GLU A 256 -2.26 20.99 2.57
C GLU A 256 -1.61 22.37 2.64
N HIS A 257 -0.86 22.74 1.61
CA HIS A 257 -0.20 24.04 1.58
C HIS A 257 -1.21 25.15 1.28
N GLU A 258 -0.90 26.37 1.72
CA GLU A 258 -1.84 27.48 1.65
C GLU A 258 -2.05 27.97 0.22
N TRP A 259 -0.99 28.44 -0.41
CA TRP A 259 -1.04 28.97 -1.78
C TRP A 259 -1.73 28.02 -2.77
N PHE A 260 -1.57 26.73 -2.54
CA PHE A 260 -2.19 25.72 -3.38
C PHE A 260 -3.70 25.67 -3.21
N LYS A 261 -4.17 25.83 -1.98
CA LYS A 261 -5.60 25.77 -1.69
C LYS A 261 -6.40 26.86 -2.42
N GLN A 262 -5.83 28.05 -2.54
CA GLN A 262 -6.53 29.22 -3.03
C GLN A 262 -7.13 28.98 -4.41
N ASP A 263 -8.43 29.23 -4.52
CA ASP A 263 -9.17 29.09 -5.77
C ASP A 263 -8.90 27.74 -6.44
N LEU A 264 -9.03 26.66 -5.66
CA LEU A 264 -8.81 25.32 -6.18
C LEU A 264 -10.11 24.56 -6.37
N PRO A 265 -10.50 24.29 -7.63
CA PRO A 265 -11.68 23.48 -7.93
C PRO A 265 -11.61 22.09 -7.29
N LYS A 266 -12.74 21.58 -6.83
CA LYS A 266 -12.78 20.34 -6.06
C LYS A 266 -12.98 19.12 -6.94
N TYR A 267 -12.92 19.32 -8.26
CA TYR A 267 -13.06 18.21 -9.20
C TYR A 267 -11.73 17.51 -9.48
N LEU A 268 -10.65 18.04 -8.91
CA LEU A 268 -9.30 17.48 -9.11
C LEU A 268 -9.12 16.21 -8.29
N PHE A 269 -9.19 16.36 -6.98
CA PHE A 269 -9.09 15.22 -6.07
C PHE A 269 -10.50 14.79 -5.67
N PRO A 270 -10.84 13.51 -5.88
CA PRO A 270 -12.22 13.04 -5.83
C PRO A 270 -12.83 12.91 -4.43
N GLU A 271 -13.34 14.03 -3.92
CA GLU A 271 -14.17 14.04 -2.72
C GLU A 271 -15.56 14.53 -3.10
N ASP A 272 -15.62 15.74 -3.64
CA ASP A 272 -16.87 16.34 -4.13
C ASP A 272 -17.22 15.83 -5.54
N PRO A 273 -18.38 16.25 -6.08
CA PRO A 273 -18.75 15.78 -7.44
C PRO A 273 -17.80 16.22 -8.55
N SER A 274 -18.09 15.78 -9.77
CA SER A 274 -17.25 16.07 -10.93
C SER A 274 -17.78 17.27 -11.70
N TYR A 275 -16.86 18.09 -12.24
CA TYR A 275 -17.23 19.29 -12.98
C TYR A 275 -17.00 19.15 -14.49
N SER A 276 -15.73 19.07 -14.89
CA SER A 276 -15.37 18.97 -16.30
C SER A 276 -15.09 17.53 -16.73
N ASP A 281 -17.04 9.01 -11.70
CA ASP A 281 -16.05 7.93 -11.81
C ASP A 281 -14.82 8.21 -10.96
N ASP A 282 -14.44 7.25 -10.13
CA ASP A 282 -13.27 7.36 -9.27
C ASP A 282 -12.84 5.98 -8.74
N GLU A 283 -11.92 5.97 -7.78
CA GLU A 283 -11.42 4.73 -7.21
C GLU A 283 -12.52 3.91 -6.52
N ALA A 284 -13.58 4.58 -6.10
CA ALA A 284 -14.72 3.93 -5.44
C ALA A 284 -15.42 2.96 -6.39
N LEU A 285 -15.04 3.02 -7.66
CA LEU A 285 -15.55 2.09 -8.66
C LEU A 285 -15.18 0.64 -8.33
N LYS A 286 -14.17 0.40 -7.50
CA LYS A 286 -13.85 -1.01 -7.32
C LYS A 286 -14.56 -1.47 -6.06
N GLU A 287 -15.86 -1.69 -6.22
CA GLU A 287 -16.70 -2.44 -5.30
C GLU A 287 -17.30 -3.68 -5.97
N VAL A 288 -17.01 -3.84 -7.25
CA VAL A 288 -17.75 -4.80 -8.07
C VAL A 288 -17.29 -6.23 -7.85
N CYS A 289 -15.99 -6.42 -7.64
CA CYS A 289 -15.39 -7.74 -7.51
C CYS A 289 -16.15 -8.62 -6.51
N GLU A 290 -16.59 -8.02 -5.41
CA GLU A 290 -17.36 -8.73 -4.41
C GLU A 290 -18.85 -8.91 -4.77
N LYS A 291 -19.49 -7.82 -5.16
CA LYS A 291 -20.94 -7.82 -5.38
C LYS A 291 -21.40 -8.54 -6.65
N PHE A 292 -20.87 -8.12 -7.80
CA PHE A 292 -21.38 -8.59 -9.10
C PHE A 292 -20.29 -8.63 -10.18
N GLU A 293 -20.70 -8.86 -11.42
CA GLU A 293 -19.79 -8.92 -12.57
C GLU A 293 -19.19 -7.54 -12.83
N CYS A 294 -18.19 -7.49 -13.71
CA CYS A 294 -17.27 -6.35 -13.87
C CYS A 294 -17.93 -4.98 -13.76
N SER A 295 -19.05 -4.80 -14.46
CA SER A 295 -19.98 -3.68 -14.24
C SER A 295 -19.50 -2.32 -14.76
N GLU A 296 -18.23 -2.22 -15.15
CA GLU A 296 -17.70 -0.94 -15.62
C GLU A 296 -18.44 -0.42 -16.86
N GLU A 297 -18.76 -1.33 -17.77
CA GLU A 297 -19.50 -0.99 -18.98
C GLU A 297 -21.00 -0.94 -18.75
N GLU A 298 -21.49 -1.82 -17.87
CA GLU A 298 -22.93 -2.02 -17.71
C GLU A 298 -23.64 -0.90 -16.93
N VAL A 299 -23.10 -0.52 -15.79
CA VAL A 299 -23.81 0.39 -14.89
C VAL A 299 -23.46 1.86 -15.08
N LEU A 300 -22.70 2.16 -16.12
CA LEU A 300 -22.49 3.55 -16.50
C LEU A 300 -23.83 4.23 -16.75
N SER A 301 -24.71 3.56 -17.47
CA SER A 301 -26.06 4.08 -17.72
C SER A 301 -26.88 4.16 -16.44
N CYS A 302 -26.59 3.25 -15.51
CA CYS A 302 -27.29 3.22 -14.24
C CYS A 302 -26.88 4.38 -13.32
N LEU A 303 -25.68 4.90 -13.51
CA LEU A 303 -25.29 6.16 -12.85
C LEU A 303 -25.22 7.42 -13.74
N TYR A 304 -25.38 7.28 -15.06
CA TYR A 304 -25.34 8.44 -15.95
C TYR A 304 -26.69 9.16 -15.96
N ASN A 305 -27.75 8.39 -15.79
CA ASN A 305 -29.11 8.90 -15.88
C ASN A 305 -29.54 9.53 -14.56
N ARG A 306 -28.60 9.60 -13.61
CA ARG A 306 -28.83 10.17 -12.29
C ARG A 306 -29.85 9.35 -11.51
N ASN A 307 -29.92 8.05 -11.82
CA ASN A 307 -30.82 7.17 -11.09
C ASN A 307 -30.10 6.52 -9.91
N HIS A 308 -30.44 6.97 -8.71
CA HIS A 308 -29.76 6.54 -7.50
C HIS A 308 -30.50 5.44 -6.75
N GLN A 309 -31.64 5.01 -7.29
CA GLN A 309 -32.40 3.92 -6.68
C GLN A 309 -32.18 2.56 -7.35
N ASP A 310 -31.31 2.51 -8.36
CA ASP A 310 -30.97 1.26 -9.04
C ASP A 310 -30.18 0.35 -8.10
N PRO A 311 -30.32 -0.98 -8.27
CA PRO A 311 -29.62 -1.91 -7.38
C PRO A 311 -28.11 -1.79 -7.47
N LEU A 312 -27.62 -1.36 -8.63
CA LEU A 312 -26.20 -1.11 -8.84
C LEU A 312 -25.79 0.29 -8.35
N ALA A 313 -26.71 1.24 -8.46
CA ALA A 313 -26.47 2.62 -8.05
C ALA A 313 -26.51 2.77 -6.54
N VAL A 314 -27.43 2.04 -5.89
CA VAL A 314 -27.52 2.08 -4.43
C VAL A 314 -26.34 1.35 -3.79
N ALA A 315 -25.55 0.65 -4.60
CA ALA A 315 -24.31 0.04 -4.13
C ALA A 315 -23.06 0.89 -4.44
N TYR A 316 -23.22 1.92 -5.25
CA TYR A 316 -22.09 2.72 -5.71
C TYR A 316 -21.93 3.99 -4.89
N HIS A 317 -22.97 4.82 -4.90
CA HIS A 317 -22.94 6.12 -4.23
C HIS A 317 -22.61 6.05 -2.74
N LEU A 318 -23.13 5.04 -2.03
CA LEU A 318 -22.89 4.94 -0.59
C LEU A 318 -21.43 4.61 -0.25
N ILE A 319 -20.65 4.24 -1.25
CA ILE A 319 -19.24 3.94 -1.05
C ILE A 319 -18.42 5.23 -0.95
N ILE A 320 -18.81 6.26 -1.68
CA ILE A 320 -18.11 7.53 -1.63
C ILE A 320 -18.44 8.25 -0.31
N ASP A 321 -19.62 7.98 0.23
CA ASP A 321 -20.03 8.54 1.51
C ASP A 321 -19.26 7.83 2.62
N ASN A 322 -19.04 6.54 2.43
CA ASN A 322 -18.27 5.72 3.36
C ASN A 322 -16.84 6.23 3.52
N ARG A 323 -16.23 6.63 2.42
CA ARG A 323 -14.84 7.11 2.43
C ARG A 323 -14.72 8.52 2.99
N ARG A 324 -15.80 9.29 2.93
CA ARG A 324 -15.81 10.64 3.47
C ARG A 324 -15.85 10.60 4.99
N ILE A 325 -16.62 9.67 5.54
CA ILE A 325 -16.74 9.51 6.98
C ILE A 325 -15.50 8.84 7.57
N MET A 326 -14.75 8.12 6.73
CA MET A 326 -13.48 7.54 7.16
C MET A 326 -12.46 8.63 7.51
N ASN A 327 -12.51 9.74 6.78
CA ASN A 327 -11.66 10.88 7.06
C ASN A 327 -12.12 11.62 8.32
N GLU A 328 -13.43 11.70 8.51
CA GLU A 328 -13.97 12.21 9.75
C GLU A 328 -13.57 11.26 10.88
N ALA A 329 -12.91 11.80 11.90
CA ALA A 329 -12.31 10.99 12.97
C ALA A 329 -11.39 9.93 12.36
N LYS A 330 -10.44 10.37 11.55
CA LYS A 330 -9.48 9.48 10.90
C LYS A 330 -8.53 8.80 11.89
N ASP A 331 -8.63 9.19 13.16
CA ASP A 331 -7.87 8.55 14.24
C ASP A 331 -8.32 7.11 14.45
N PHE A 332 -9.40 6.71 13.80
CA PHE A 332 -9.90 5.33 13.86
C PHE A 332 -9.15 4.37 12.93
N TYR A 333 -8.96 4.79 11.68
CA TYR A 333 -8.24 3.99 10.69
C TYR A 333 -6.71 4.15 10.65
N LEU A 334 -6.20 5.34 10.93
CA LEU A 334 -4.76 5.59 10.87
C LEU A 334 -4.25 6.29 12.12
N ALA A 335 -3.01 6.02 12.49
CA ALA A 335 -2.40 6.66 13.66
C ALA A 335 -1.92 8.08 13.32
N THR A 336 -1.88 8.93 14.34
CA THR A 336 -1.49 10.32 14.18
C THR A 336 -0.09 10.55 14.73
N SER A 337 0.64 11.48 14.13
CA SER A 337 1.96 11.89 14.60
C SER A 337 1.85 12.60 15.96
N PRO A 338 2.98 12.75 16.68
CA PRO A 338 2.96 13.43 17.99
C PRO A 338 2.41 14.86 17.93
N PRO A 339 1.82 15.34 19.03
CA PRO A 339 1.23 16.67 19.09
C PRO A 339 2.27 17.79 19.10
N ASP A 344 2.77 24.54 19.55
CA ASP A 344 3.05 25.77 20.28
C ASP A 344 2.63 25.62 21.73
N ASP A 345 1.93 26.61 22.30
CA ASP A 345 1.56 26.44 23.68
C ASP A 345 0.24 25.71 23.68
N HIS A 346 0.36 24.39 23.67
CA HIS A 346 -0.77 23.48 23.57
C HIS A 346 -0.38 22.23 24.34
N HIS A 347 -1.21 21.83 25.30
CA HIS A 347 -0.81 20.79 26.22
C HIS A 347 -1.71 19.58 26.14
N LEU A 348 -3.00 19.78 26.36
CA LEU A 348 -3.93 18.69 26.67
C LEU A 348 -3.82 17.55 25.67
N THR A 349 -3.53 16.38 26.20
CA THR A 349 -3.59 15.14 25.44
C THR A 349 -4.24 14.06 26.32
N ARG A 350 -5.49 13.71 26.04
CA ARG A 350 -6.17 12.71 26.85
C ARG A 350 -5.85 11.34 26.28
N PRO A 351 -5.09 10.53 27.04
CA PRO A 351 -4.59 9.26 26.53
C PRO A 351 -5.69 8.23 26.37
N HIS A 352 -5.51 7.33 25.40
CA HIS A 352 -6.41 6.19 25.22
C HIS A 352 -6.39 5.35 26.50
N PRO A 353 -7.57 4.86 26.92
CA PRO A 353 -7.66 4.12 28.18
C PRO A 353 -6.70 2.93 28.26
N GLU A 354 -6.38 2.33 27.12
CA GLU A 354 -5.44 1.22 27.11
C GLU A 354 -3.98 1.71 26.96
N ARG A 355 -3.81 3.03 26.87
CA ARG A 355 -2.48 3.63 26.84
C ARG A 355 -2.05 4.21 28.19
N VAL A 356 -2.91 4.11 29.20
CA VAL A 356 -2.65 4.77 30.47
C VAL A 356 -1.42 4.32 31.30
N PRO A 357 -1.08 3.01 31.35
CA PRO A 357 -0.05 2.62 32.31
C PRO A 357 1.41 2.98 31.98
N PHE A 358 1.74 3.06 30.70
CA PHE A 358 3.14 3.10 30.27
C PHE A 358 3.78 4.47 30.45
N LEU A 359 3.09 5.52 30.02
CA LEU A 359 3.62 6.88 30.12
C LEU A 359 3.90 7.27 31.57
N VAL A 360 3.12 6.70 32.49
CA VAL A 360 3.28 7.01 33.90
C VAL A 360 4.48 6.35 34.52
N ALA A 361 4.65 5.07 34.21
CA ALA A 361 5.78 4.31 34.73
C ALA A 361 7.09 4.89 34.21
N GLU A 362 7.04 5.46 33.01
CA GLU A 362 8.20 6.12 32.41
C GLU A 362 8.56 7.38 33.19
N THR A 363 7.55 8.20 33.49
CA THR A 363 7.75 9.41 34.29
C THR A 363 6.84 9.41 35.52
N PRO A 364 7.25 8.68 36.58
CA PRO A 364 6.43 8.58 37.80
C PRO A 364 6.60 9.79 38.70
N ARG A 384 12.03 2.63 27.58
CA ARG A 384 13.45 2.93 27.71
C ARG A 384 14.16 2.69 26.38
N LYS A 385 14.54 1.43 26.13
CA LYS A 385 15.19 1.11 24.87
C LYS A 385 14.46 0.04 24.06
N ALA A 386 13.83 0.46 22.97
CA ALA A 386 13.38 -0.44 21.92
C ALA A 386 13.73 0.15 20.56
N LYS A 387 14.65 -0.49 19.86
CA LYS A 387 15.13 0.02 18.56
C LYS A 387 15.21 -1.08 17.53
N TRP A 388 14.46 -0.93 16.43
CA TRP A 388 14.49 -1.94 15.37
C TRP A 388 15.55 -1.64 14.31
N HIS A 389 16.47 -2.57 14.11
CA HIS A 389 17.45 -2.48 13.04
C HIS A 389 16.79 -2.71 11.69
N LEU A 390 17.46 -2.29 10.61
CA LEU A 390 16.95 -2.51 9.26
C LEU A 390 16.91 -3.98 8.87
N GLY A 391 18.02 -4.68 9.07
CA GLY A 391 18.12 -6.07 8.70
C GLY A 391 19.39 -6.61 9.32
N ILE A 392 19.89 -7.74 8.81
CA ILE A 392 21.19 -8.23 9.26
C ILE A 392 22.33 -7.35 8.71
N ARG A 393 23.14 -6.83 9.62
CA ARG A 393 24.23 -5.94 9.25
C ARG A 393 25.58 -6.54 9.59
N SER A 394 26.50 -6.48 8.63
CA SER A 394 27.88 -6.94 8.84
C SER A 394 28.84 -6.13 7.99
N GLN A 395 30.07 -5.97 8.45
CA GLN A 395 31.04 -5.24 7.67
C GLN A 395 32.18 -6.13 7.18
N SER A 396 32.05 -6.58 5.94
CA SER A 396 33.06 -7.38 5.28
C SER A 396 32.93 -7.05 3.80
N ARG A 397 33.69 -7.72 2.94
CA ARG A 397 33.77 -7.32 1.54
C ARG A 397 32.51 -7.67 0.75
N PRO A 398 32.18 -6.88 -0.29
CA PRO A 398 30.89 -7.03 -0.98
C PRO A 398 30.74 -8.38 -1.67
N ASN A 399 31.80 -8.86 -2.34
CA ASN A 399 31.78 -10.19 -2.98
C ASN A 399 32.04 -11.29 -1.97
N ASP A 400 32.74 -10.92 -0.90
CA ASP A 400 33.11 -11.87 0.14
C ASP A 400 31.91 -12.23 1.03
N ILE A 401 31.08 -11.24 1.35
CA ILE A 401 29.93 -11.50 2.23
C ILE A 401 28.88 -12.38 1.57
N MET A 402 28.52 -12.08 0.32
CA MET A 402 27.49 -12.83 -0.39
C MET A 402 27.91 -14.28 -0.56
N ALA A 403 29.21 -14.49 -0.75
CA ALA A 403 29.75 -15.84 -0.85
C ALA A 403 29.62 -16.56 0.50
N GLU A 404 29.88 -15.84 1.59
CA GLU A 404 29.76 -16.39 2.93
C GLU A 404 28.28 -16.68 3.28
N VAL A 405 27.39 -15.88 2.72
CA VAL A 405 25.95 -16.08 2.87
C VAL A 405 25.46 -17.22 1.99
N CYS A 406 26.03 -17.30 0.78
CA CYS A 406 25.69 -18.32 -0.19
C CYS A 406 26.01 -19.74 0.30
N ARG A 407 26.88 -19.81 1.32
CA ARG A 407 27.18 -21.06 2.00
C ARG A 407 26.04 -21.46 2.92
N ALA A 408 25.59 -20.51 3.72
CA ALA A 408 24.54 -20.76 4.71
C ALA A 408 23.20 -21.06 4.05
N ILE A 409 22.90 -20.36 2.96
CA ILE A 409 21.66 -20.56 2.24
C ILE A 409 21.54 -21.98 1.69
N LYS A 410 22.68 -22.58 1.37
CA LYS A 410 22.74 -23.95 0.89
C LYS A 410 22.60 -24.92 2.03
N GLN A 411 23.32 -24.61 3.11
CA GLN A 411 23.48 -25.52 4.23
C GLN A 411 22.14 -25.98 4.77
N LEU A 412 21.15 -25.09 4.73
CA LEU A 412 19.82 -25.39 5.26
C LEU A 412 19.08 -26.45 4.47
N ASP A 413 19.49 -26.66 3.22
CA ASP A 413 18.78 -27.47 2.20
C ASP A 413 17.77 -26.66 1.37
N TYR A 414 17.71 -25.35 1.60
CA TYR A 414 16.90 -24.46 0.76
C TYR A 414 17.68 -24.17 -0.54
N GLU A 415 17.09 -23.48 -1.50
CA GLU A 415 17.76 -23.28 -2.80
C GLU A 415 17.70 -21.83 -3.29
N TRP A 416 18.61 -21.46 -4.19
CA TRP A 416 18.71 -20.08 -4.65
C TRP A 416 19.06 -19.96 -6.13
N LYS A 417 18.53 -18.91 -6.75
CA LYS A 417 18.99 -18.48 -8.08
C LYS A 417 19.48 -17.03 -7.96
N VAL A 418 20.64 -16.72 -8.54
CA VAL A 418 21.20 -15.38 -8.40
C VAL A 418 20.96 -14.55 -9.65
N VAL A 419 20.50 -13.31 -9.46
CA VAL A 419 20.15 -12.42 -10.56
C VAL A 419 21.33 -11.52 -10.90
N ASN A 420 21.73 -10.69 -9.94
CA ASN A 420 22.92 -9.86 -10.05
C ASN A 420 23.85 -10.25 -8.90
N PRO A 421 25.16 -9.93 -8.99
CA PRO A 421 26.11 -10.45 -8.00
C PRO A 421 25.68 -10.31 -6.55
N TYR A 422 25.02 -9.20 -6.22
CA TYR A 422 24.53 -8.96 -4.86
C TYR A 422 23.02 -9.19 -4.64
N TYR A 423 22.32 -9.67 -5.66
CA TYR A 423 20.87 -9.88 -5.58
C TYR A 423 20.51 -11.35 -5.76
N LEU A 424 19.85 -11.96 -4.77
CA LEU A 424 19.45 -13.37 -4.87
C LEU A 424 17.95 -13.58 -4.78
N ARG A 425 17.47 -14.64 -5.43
CA ARG A 425 16.06 -15.03 -5.33
C ARG A 425 16.00 -16.45 -4.78
N VAL A 426 15.48 -16.60 -3.56
CA VAL A 426 15.59 -17.88 -2.87
C VAL A 426 14.25 -18.43 -2.43
N ARG A 427 14.18 -19.73 -2.20
CA ARG A 427 12.94 -20.34 -1.76
C ARG A 427 13.18 -21.67 -1.05
N ARG A 428 12.19 -22.07 -0.26
CA ARG A 428 12.18 -23.39 0.37
C ARG A 428 10.90 -24.12 0.20
N LYS A 429 10.99 -25.44 0.35
CA LYS A 429 9.80 -26.26 0.38
C LYS A 429 9.31 -26.44 1.81
N ASN A 430 8.04 -26.13 2.02
CA ASN A 430 7.39 -26.30 3.31
C ASN A 430 7.50 -27.75 3.79
N PRO A 431 8.01 -27.96 5.01
CA PRO A 431 8.14 -29.33 5.51
C PRO A 431 6.81 -30.05 5.74
N VAL A 432 5.79 -29.36 6.24
CA VAL A 432 4.52 -30.00 6.56
C VAL A 432 3.53 -30.13 5.39
N THR A 433 3.69 -29.30 4.36
CA THR A 433 2.79 -29.31 3.20
C THR A 433 3.59 -29.17 1.91
N SER A 434 2.94 -29.39 0.77
CA SER A 434 3.62 -29.31 -0.53
C SER A 434 3.72 -27.86 -1.00
N THR A 435 3.29 -26.93 -0.15
CA THR A 435 3.41 -25.50 -0.45
C THR A 435 4.86 -25.03 -0.47
N TYR A 436 5.11 -23.89 -1.09
CA TYR A 436 6.46 -23.35 -1.19
C TYR A 436 6.46 -21.83 -1.03
N SER A 437 7.29 -21.33 -0.11
CA SER A 437 7.42 -19.89 0.10
C SER A 437 8.80 -19.42 -0.33
N LYS A 438 8.87 -18.18 -0.81
CA LYS A 438 10.12 -17.63 -1.34
C LYS A 438 10.42 -16.25 -0.76
N MET A 439 11.57 -15.69 -1.13
CA MET A 439 11.98 -14.35 -0.72
C MET A 439 13.18 -13.86 -1.53
N SER A 440 13.58 -12.60 -1.31
CA SER A 440 14.66 -12.01 -2.08
C SER A 440 15.69 -11.35 -1.16
N LEU A 441 16.97 -11.50 -1.49
CA LEU A 441 18.02 -10.88 -0.68
C LEU A 441 18.84 -9.91 -1.51
N GLN A 442 18.67 -8.63 -1.24
CA GLN A 442 19.41 -7.62 -1.96
C GLN A 442 20.39 -6.95 -1.01
N LEU A 443 21.67 -7.04 -1.30
CA LEU A 443 22.66 -6.39 -0.46
C LEU A 443 22.86 -4.93 -0.83
N TYR A 444 22.90 -4.05 0.17
CA TYR A 444 23.14 -2.64 -0.06
C TYR A 444 24.44 -2.20 0.60
N GLN A 445 24.82 -0.94 0.39
CA GLN A 445 25.98 -0.39 1.05
C GLN A 445 25.59 0.84 1.85
N VAL A 446 25.59 0.72 3.18
CA VAL A 446 25.12 1.82 4.03
C VAL A 446 26.20 2.90 4.09
N ASP A 447 27.46 2.48 3.99
CA ASP A 447 28.58 3.39 3.90
C ASP A 447 29.82 2.61 3.45
N SER A 448 30.94 3.31 3.31
CA SER A 448 32.18 2.67 2.86
C SER A 448 32.69 1.64 3.86
N ARG A 449 32.34 1.81 5.13
CA ARG A 449 32.80 0.92 6.19
C ARG A 449 31.92 -0.32 6.43
N THR A 450 30.67 -0.30 5.94
CA THR A 450 29.72 -1.36 6.28
C THR A 450 28.71 -1.63 5.16
N TYR A 451 28.24 -2.87 5.08
CA TYR A 451 27.19 -3.26 4.14
C TYR A 451 25.98 -3.82 4.90
N LEU A 452 24.83 -3.84 4.22
CA LEU A 452 23.58 -4.32 4.82
C LEU A 452 22.86 -5.28 3.89
N LEU A 453 22.40 -6.40 4.43
CA LEU A 453 21.66 -7.39 3.66
C LEU A 453 20.17 -7.23 3.91
N ASP A 454 19.39 -7.05 2.85
CA ASP A 454 17.95 -6.86 2.95
C ASP A 454 17.16 -8.15 2.76
N PHE A 455 16.06 -8.29 3.49
CA PHE A 455 15.19 -9.46 3.36
C PHE A 455 13.80 -9.01 2.91
N ARG A 456 13.29 -9.59 1.83
CA ARG A 456 12.02 -9.15 1.29
C ARG A 456 11.08 -10.32 0.98
N SER A 457 9.82 -10.20 1.37
CA SER A 457 8.82 -11.23 1.07
C SER A 457 8.36 -11.15 -0.39
N ILE A 458 7.53 -12.09 -0.81
CA ILE A 458 7.00 -12.11 -2.18
C ILE A 458 5.54 -12.57 -2.19
N ASP A 459 4.99 -12.79 -3.38
CA ASP A 459 3.57 -13.18 -3.49
C ASP A 459 3.33 -14.25 -4.54
N ASP A 460 2.25 -15.00 -4.37
CA ASP A 460 1.81 -16.00 -5.33
C ASP A 460 1.21 -15.32 -6.57
N GLY A 461 1.20 -16.00 -7.70
CA GLY A 461 0.74 -15.43 -8.95
C GLY A 461 -0.73 -15.02 -8.97
N ILE A 462 -1.06 -14.03 -9.79
CA ILE A 462 -2.43 -13.55 -9.93
C ILE A 462 -3.35 -14.63 -10.47
N THR A 517 -9.99 -25.37 -0.37
CA THR A 517 -9.75 -23.94 -0.57
C THR A 517 -9.10 -23.19 0.63
N PRO A 518 -9.19 -23.72 1.87
CA PRO A 518 -8.47 -22.96 2.90
C PRO A 518 -7.02 -23.41 3.07
N ARG A 519 -6.25 -22.69 3.90
CA ARG A 519 -4.84 -23.03 4.12
C ARG A 519 -4.54 -23.08 5.62
N PRO A 520 -3.85 -24.13 6.09
CA PRO A 520 -3.42 -24.19 7.49
C PRO A 520 -2.00 -23.70 7.66
N GLY A 521 -1.70 -22.50 7.17
CA GLY A 521 -0.39 -21.93 7.33
C GLY A 521 -0.36 -20.48 6.90
N SER A 522 0.55 -19.72 7.49
CA SER A 522 0.60 -18.28 7.28
C SER A 522 1.78 -17.89 6.40
N HIS A 523 1.48 -17.21 5.30
CA HIS A 523 2.51 -16.77 4.38
C HIS A 523 3.44 -15.77 5.03
N THR A 524 2.89 -14.96 5.93
CA THR A 524 3.66 -13.92 6.62
C THR A 524 4.63 -14.53 7.63
N ILE A 525 4.17 -15.52 8.38
CA ILE A 525 5.02 -16.18 9.38
C ILE A 525 6.11 -17.01 8.72
N GLU A 526 5.74 -17.75 7.68
CA GLU A 526 6.67 -18.59 6.95
C GLU A 526 7.87 -17.78 6.45
N PHE A 527 7.63 -16.53 6.07
CA PHE A 527 8.69 -15.64 5.65
C PHE A 527 9.66 -15.36 6.80
N PHE A 528 9.12 -15.11 7.98
CA PHE A 528 9.93 -14.81 9.16
C PHE A 528 10.76 -16.03 9.58
N GLU A 529 10.12 -17.19 9.63
CA GLU A 529 10.81 -18.42 10.00
C GLU A 529 11.95 -18.72 9.03
N MET A 530 11.73 -18.41 7.75
CA MET A 530 12.72 -18.67 6.71
C MET A 530 13.93 -17.78 6.93
N CYS A 531 13.68 -16.50 7.18
CA CYS A 531 14.76 -15.56 7.47
C CYS A 531 15.45 -15.93 8.76
N ALA A 532 14.65 -16.21 9.78
CA ALA A 532 15.16 -16.54 11.11
C ALA A 532 16.20 -17.67 11.07
N ASN A 533 15.86 -18.74 10.35
CA ASN A 533 16.77 -19.88 10.22
C ASN A 533 18.08 -19.47 9.57
N LEU A 534 17.98 -18.67 8.52
CA LEU A 534 19.16 -18.16 7.82
C LEU A 534 20.00 -17.29 8.74
N ILE A 535 19.35 -16.34 9.43
CA ILE A 535 20.03 -15.37 10.28
C ILE A 535 20.79 -16.05 11.41
N LYS A 536 20.20 -17.09 11.98
CA LYS A 536 20.82 -17.84 13.07
C LYS A 536 22.20 -18.40 12.71
N ILE A 537 22.36 -18.81 11.44
CA ILE A 537 23.62 -19.37 10.99
C ILE A 537 24.64 -18.27 10.71
N LEU A 538 24.17 -17.15 10.18
CA LEU A 538 25.04 -16.02 9.89
C LEU A 538 25.59 -15.38 11.17
N ALA A 539 24.79 -15.43 12.23
CA ALA A 539 25.20 -14.87 13.51
C ALA A 539 26.11 -15.83 14.27
N GLN A 540 25.58 -16.99 14.63
CA GLN A 540 26.34 -18.00 15.36
C GLN A 540 26.83 -19.11 14.43
N PRO B 3 -5.47 -4.02 -47.57
CA PRO B 3 -4.22 -3.55 -48.18
C PRO B 3 -3.03 -3.74 -47.25
N THR B 4 -1.83 -3.46 -47.76
CA THR B 4 -0.60 -3.56 -46.97
C THR B 4 0.41 -2.49 -47.41
N VAL B 5 1.40 -2.24 -46.55
CA VAL B 5 2.44 -1.25 -46.83
C VAL B 5 3.85 -1.85 -46.69
N ILE B 6 4.80 -1.28 -47.42
CA ILE B 6 6.19 -1.74 -47.41
C ILE B 6 7.14 -0.56 -47.25
N ARG B 7 8.26 -0.79 -46.57
CA ARG B 7 9.29 0.23 -46.38
C ARG B 7 10.58 -0.14 -47.08
N TRP B 8 11.40 0.87 -47.36
CA TRP B 8 12.68 0.66 -48.04
C TRP B 8 13.78 1.45 -47.32
N SER B 9 14.72 0.73 -46.71
CA SER B 9 15.69 1.34 -45.79
C SER B 9 16.99 1.77 -46.47
N GLU B 10 17.15 1.42 -47.74
CA GLU B 10 18.35 1.75 -48.50
C GLU B 10 18.13 3.06 -49.26
N GLY B 11 19.20 3.85 -49.41
CA GLY B 11 19.08 5.12 -50.10
C GLY B 11 18.90 5.00 -51.61
N GLY B 12 18.18 5.96 -52.19
CA GLY B 12 18.00 6.01 -53.63
C GLY B 12 17.35 7.29 -54.12
N LYS B 13 17.60 7.65 -55.37
CA LYS B 13 17.06 8.88 -55.95
C LYS B 13 15.61 8.69 -56.40
N GLU B 14 15.41 7.87 -57.43
CA GLU B 14 14.08 7.50 -57.87
C GLU B 14 13.82 6.03 -57.55
N VAL B 15 12.70 5.75 -56.89
CA VAL B 15 12.40 4.40 -56.45
C VAL B 15 10.97 3.98 -56.79
N PHE B 16 10.84 2.78 -57.35
CA PHE B 16 9.52 2.20 -57.68
C PHE B 16 9.40 0.80 -57.09
N ILE B 17 8.18 0.27 -57.08
CA ILE B 17 7.95 -1.09 -56.59
C ILE B 17 7.02 -1.85 -57.56
N SER B 18 7.36 -3.11 -57.83
CA SER B 18 6.60 -3.96 -58.74
C SER B 18 6.21 -5.26 -58.06
N GLY B 19 5.60 -6.19 -58.80
CA GLY B 19 5.23 -7.48 -58.27
C GLY B 19 4.28 -8.32 -59.11
N SER B 20 3.86 -9.45 -58.57
CA SER B 20 2.94 -10.36 -59.27
C SER B 20 1.48 -9.92 -59.19
N PHE B 21 1.13 -9.16 -58.16
CA PHE B 21 -0.25 -8.67 -58.00
C PHE B 21 -0.64 -7.77 -59.15
N ASN B 22 0.09 -6.67 -59.30
CA ASN B 22 -0.02 -5.84 -60.48
C ASN B 22 0.55 -6.60 -61.67
N ASN B 23 0.23 -6.16 -62.89
CA ASN B 23 0.78 -6.77 -64.09
C ASN B 23 2.29 -6.90 -63.91
N TRP B 24 2.85 -8.05 -64.31
CA TRP B 24 4.26 -8.35 -64.01
C TRP B 24 5.18 -7.25 -64.50
N SER B 25 4.74 -6.45 -65.47
CA SER B 25 5.39 -5.17 -65.72
C SER B 25 4.44 -4.02 -65.36
N THR B 26 4.65 -3.48 -64.17
CA THR B 26 3.90 -2.34 -63.66
C THR B 26 4.82 -1.60 -62.71
N LYS B 27 4.70 -0.28 -62.69
CA LYS B 27 5.56 0.55 -61.85
C LYS B 27 4.71 1.45 -60.95
N ILE B 28 4.97 1.38 -59.64
CA ILE B 28 4.21 2.15 -58.67
C ILE B 28 5.09 3.20 -58.03
N PRO B 29 4.79 4.48 -58.28
CA PRO B 29 5.62 5.55 -57.70
C PRO B 29 5.62 5.55 -56.17
N LEU B 30 6.81 5.45 -55.60
CA LEU B 30 7.00 5.52 -54.15
C LEU B 30 7.12 6.97 -53.66
N ILE B 31 6.80 7.18 -52.39
CA ILE B 31 6.86 8.48 -51.74
C ILE B 31 8.04 8.46 -50.77
N LYS B 32 8.57 9.63 -50.42
CA LYS B 32 9.84 9.73 -49.70
C LYS B 32 9.71 10.13 -48.23
N SEP B 33 10.70 9.72 -47.45
CA SEP B 33 10.89 10.21 -46.08
CB SEP B 33 10.14 9.33 -45.07
OG SEP B 33 8.74 9.54 -45.22
C SEP B 33 12.38 10.25 -45.79
O SEP B 33 13.20 10.00 -46.68
P SEP B 33 7.86 8.92 -44.01
O1P SEP B 33 8.20 9.69 -42.64
O2P SEP B 33 6.30 9.14 -44.38
O3P SEP B 33 8.19 7.35 -43.86
N HIS B 34 12.76 10.58 -44.55
CA HIS B 34 14.18 10.81 -44.27
C HIS B 34 15.01 9.52 -44.42
N ASN B 35 14.64 8.46 -43.72
CA ASN B 35 15.31 7.17 -43.85
C ASN B 35 14.58 6.11 -44.70
N ASP B 36 13.37 6.44 -45.16
CA ASP B 36 12.51 5.43 -45.79
C ASP B 36 11.80 5.95 -47.04
N PHE B 37 11.29 5.01 -47.84
CA PHE B 37 10.48 5.33 -49.01
C PHE B 37 9.29 4.36 -49.07
N VAL B 38 8.07 4.88 -49.11
CA VAL B 38 6.88 4.02 -49.00
C VAL B 38 5.73 4.35 -49.96
N ALA B 39 4.80 3.41 -50.09
CA ALA B 39 3.53 3.62 -50.77
C ALA B 39 2.51 2.56 -50.35
N ILE B 40 1.28 2.69 -50.84
CA ILE B 40 0.21 1.77 -50.45
C ILE B 40 -0.59 1.30 -51.65
N LEU B 41 -0.97 0.02 -51.64
CA LEU B 41 -1.79 -0.55 -52.70
C LEU B 41 -2.76 -1.58 -52.14
N ASP B 42 -3.84 -1.82 -52.88
CA ASP B 42 -4.82 -2.84 -52.50
C ASP B 42 -4.43 -4.16 -53.14
N LEU B 43 -4.08 -5.14 -52.32
CA LEU B 43 -3.59 -6.41 -52.83
C LEU B 43 -4.49 -7.57 -52.40
N PRO B 44 -4.72 -8.54 -53.30
CA PRO B 44 -5.61 -9.68 -53.05
C PRO B 44 -4.99 -10.74 -52.14
N GLU B 45 -5.83 -11.58 -51.56
CA GLU B 45 -5.40 -12.60 -50.60
C GLU B 45 -4.40 -13.59 -51.20
N GLY B 46 -3.25 -13.75 -50.55
CA GLY B 46 -2.31 -14.77 -50.94
C GLY B 46 -0.85 -14.41 -50.75
N GLU B 47 0.03 -15.26 -51.28
CA GLU B 47 1.46 -15.00 -51.30
C GLU B 47 1.82 -14.03 -52.43
N HIS B 48 3.09 -13.65 -52.51
CA HIS B 48 3.50 -12.64 -53.49
C HIS B 48 5.00 -12.69 -53.81
N GLN B 49 5.35 -12.19 -55.00
CA GLN B 49 6.75 -12.05 -55.41
C GLN B 49 6.97 -10.63 -55.90
N TYR B 50 7.83 -9.88 -55.21
CA TYR B 50 8.07 -8.49 -55.59
C TYR B 50 9.54 -8.09 -55.54
N LYS B 51 9.87 -7.03 -56.27
CA LYS B 51 11.24 -6.51 -56.32
C LYS B 51 11.21 -5.00 -56.58
N PHE B 52 12.24 -4.30 -56.10
CA PHE B 52 12.29 -2.85 -56.20
C PHE B 52 13.08 -2.36 -57.42
N PHE B 53 12.65 -1.24 -57.98
CA PHE B 53 13.33 -0.61 -59.11
C PHE B 53 13.93 0.72 -58.66
N VAL B 54 15.26 0.76 -58.51
CA VAL B 54 15.93 1.94 -57.97
C VAL B 54 17.07 2.41 -58.88
N ASP B 55 17.03 3.68 -59.24
CA ASP B 55 18.06 4.33 -60.05
C ASP B 55 18.27 3.64 -61.41
N GLY B 56 17.27 2.89 -61.86
CA GLY B 56 17.38 2.16 -63.12
C GLY B 56 17.61 0.67 -63.01
N GLN B 57 18.07 0.20 -61.86
CA GLN B 57 18.38 -1.22 -61.67
C GLN B 57 17.33 -1.91 -60.79
N TRP B 58 16.97 -3.14 -61.17
CA TRP B 58 16.09 -3.96 -60.35
C TRP B 58 16.87 -4.63 -59.22
N VAL B 59 16.52 -4.32 -57.98
CA VAL B 59 17.19 -4.90 -56.81
C VAL B 59 16.19 -5.29 -55.73
N HIS B 60 16.63 -6.14 -54.81
CA HIS B 60 15.79 -6.62 -53.73
C HIS B 60 16.28 -6.13 -52.39
N ASP B 61 15.38 -6.11 -51.41
CA ASP B 61 15.70 -5.66 -50.05
C ASP B 61 16.12 -6.85 -49.17
N PRO B 62 17.39 -6.88 -48.75
CA PRO B 62 17.89 -7.96 -47.89
C PRO B 62 17.20 -8.04 -46.53
N SER B 63 16.62 -6.93 -46.07
CA SER B 63 15.92 -6.90 -44.79
C SER B 63 14.73 -7.86 -44.79
N GLU B 64 13.99 -7.85 -45.89
CA GLU B 64 12.84 -8.75 -46.08
C GLU B 64 13.32 -10.13 -46.54
N PRO B 65 12.46 -11.17 -46.39
CA PRO B 65 12.80 -12.50 -46.89
C PRO B 65 13.00 -12.52 -48.40
N VAL B 66 13.69 -13.54 -48.91
CA VAL B 66 13.97 -13.63 -50.35
C VAL B 66 13.83 -15.06 -50.87
N VAL B 67 13.45 -15.18 -52.15
CA VAL B 67 13.38 -16.47 -52.83
C VAL B 67 13.77 -16.34 -54.31
N THR B 68 13.79 -17.47 -55.02
CA THR B 68 14.09 -17.48 -56.45
C THR B 68 12.83 -17.78 -57.26
N SER B 69 12.52 -16.93 -58.23
CA SER B 69 11.35 -17.11 -59.07
C SER B 69 11.60 -18.12 -60.17
N GLN B 70 10.59 -18.35 -61.01
CA GLN B 70 10.70 -19.31 -62.11
C GLN B 70 11.67 -18.82 -63.17
N LEU B 71 11.76 -17.50 -63.32
CA LEU B 71 12.65 -16.89 -64.30
C LEU B 71 14.11 -16.98 -63.85
N GLY B 72 14.31 -17.17 -62.54
CA GLY B 72 15.63 -17.29 -61.98
C GLY B 72 16.10 -16.02 -61.29
N THR B 73 15.18 -15.06 -61.14
CA THR B 73 15.51 -13.79 -60.51
C THR B 73 15.35 -13.89 -58.99
N ILE B 74 15.70 -12.83 -58.28
CA ILE B 74 15.60 -12.81 -56.82
C ILE B 74 14.47 -11.89 -56.37
N ASN B 75 13.40 -12.48 -55.83
CA ASN B 75 12.25 -11.72 -55.35
C ASN B 75 11.98 -12.02 -53.88
N ASN B 76 11.16 -11.17 -53.25
CA ASN B 76 10.86 -11.32 -51.83
C ASN B 76 9.52 -12.03 -51.58
N LEU B 77 9.22 -12.28 -50.31
CA LEU B 77 7.99 -12.98 -49.93
C LEU B 77 7.22 -12.22 -48.86
N ILE B 78 5.93 -12.04 -49.10
CA ILE B 78 5.01 -11.47 -48.11
C ILE B 78 3.63 -12.15 -48.21
N HIS B 79 3.04 -12.43 -47.05
CA HIS B 79 1.71 -13.01 -47.00
C HIS B 79 0.70 -11.97 -46.54
N VAL B 80 -0.16 -11.52 -47.45
CA VAL B 80 -1.13 -10.48 -47.11
C VAL B 80 -2.40 -11.08 -46.51
N LYS B 81 -2.75 -10.59 -45.32
CA LYS B 81 -3.97 -11.00 -44.64
C LYS B 81 -4.67 -9.78 -44.05
N LYS B 82 -5.95 -9.93 -43.71
CA LYS B 82 -6.72 -8.91 -43.01
C LYS B 82 -6.93 -9.18 -41.51
N SER B 83 -6.27 -10.21 -40.98
CA SER B 83 -6.49 -10.64 -39.60
C SER B 83 -5.48 -10.09 -38.58
N ASP B 84 -4.55 -9.25 -39.02
CA ASP B 84 -3.54 -8.78 -38.06
C ASP B 84 -3.86 -7.35 -37.59
N PHE B 85 -4.58 -7.27 -36.47
CA PHE B 85 -4.79 -6.05 -35.70
C PHE B 85 -3.99 -6.10 -34.39
N GLU B 86 -3.12 -7.10 -34.28
CA GLU B 86 -2.63 -7.62 -33.00
C GLU B 86 -1.98 -6.58 -32.11
N VAL B 87 -1.93 -6.88 -30.81
CA VAL B 87 -1.32 -5.99 -29.83
C VAL B 87 -0.21 -6.72 -29.06
N PHE B 88 -0.53 -7.83 -28.41
CA PHE B 88 0.45 -8.60 -27.65
C PHE B 88 1.25 -9.60 -28.50
N ASP B 89 0.75 -9.94 -29.68
CA ASP B 89 1.44 -10.85 -30.58
C ASP B 89 2.61 -10.15 -31.26
N ALA B 90 2.50 -8.83 -31.38
CA ALA B 90 3.56 -8.01 -31.97
C ALA B 90 4.80 -8.02 -31.09
N LEU B 91 4.58 -8.13 -29.78
CA LEU B 91 5.66 -8.19 -28.81
C LEU B 91 6.43 -9.49 -28.96
N LYS B 92 5.70 -10.56 -29.31
CA LYS B 92 6.28 -11.85 -29.63
C LYS B 92 7.05 -11.80 -30.94
N SER B 107 9.03 -15.90 -11.72
CA SER B 107 8.13 -14.77 -11.50
C SER B 107 7.82 -14.03 -12.81
N SER B 108 7.16 -12.88 -12.69
CA SER B 108 7.19 -11.91 -13.79
C SER B 108 8.01 -10.74 -13.29
N SER B 109 9.31 -10.82 -13.57
CA SER B 109 10.30 -10.03 -12.84
C SER B 109 10.77 -8.93 -13.79
N PRO B 110 11.75 -8.08 -13.39
CA PRO B 110 12.08 -7.06 -14.38
C PRO B 110 12.64 -7.69 -15.65
N PRO B 111 12.02 -7.40 -16.78
CA PRO B 111 12.29 -8.13 -18.01
C PRO B 111 13.70 -8.01 -18.60
N GLY B 112 14.60 -8.85 -18.11
CA GLY B 112 15.94 -9.04 -18.63
C GLY B 112 16.24 -10.51 -18.44
N PRO B 113 16.16 -11.31 -19.59
CA PRO B 113 16.21 -12.76 -19.29
C PRO B 113 17.58 -13.30 -18.86
N TYR B 114 17.53 -14.32 -18.00
CA TYR B 114 18.70 -15.08 -17.60
C TYR B 114 18.25 -16.34 -16.86
N GLY B 115 19.19 -17.06 -16.26
CA GLY B 115 18.98 -18.44 -15.84
C GLY B 115 17.99 -18.75 -14.74
N GLN B 116 17.98 -20.02 -14.31
CA GLN B 116 16.82 -20.64 -13.67
C GLN B 116 17.03 -21.15 -12.23
N GLU B 117 16.02 -21.83 -11.72
CA GLU B 117 15.95 -22.27 -10.32
C GLU B 117 16.95 -23.37 -9.91
N MET B 118 17.21 -23.43 -8.61
CA MET B 118 17.74 -24.60 -7.89
C MET B 118 19.27 -24.83 -7.91
N TYR B 119 20.03 -24.02 -8.64
CA TYR B 119 21.49 -24.23 -8.67
C TYR B 119 22.32 -22.97 -8.90
N ALA B 120 23.48 -22.92 -8.24
CA ALA B 120 24.49 -21.85 -8.39
C ALA B 120 25.70 -22.10 -7.49
N PHE B 121 26.80 -21.39 -7.75
CA PHE B 121 27.98 -21.46 -6.88
C PHE B 121 28.63 -20.13 -6.51
N ARG B 122 29.26 -19.48 -7.50
CA ARG B 122 30.22 -18.40 -7.24
C ARG B 122 30.01 -17.15 -8.10
N SER B 123 30.98 -16.24 -8.04
CA SER B 123 30.88 -14.89 -8.61
C SER B 123 30.57 -14.82 -10.11
N GLU B 124 29.85 -13.77 -10.49
CA GLU B 124 29.60 -13.44 -11.88
C GLU B 124 30.80 -12.70 -12.48
N GLU B 125 30.73 -12.43 -13.78
CA GLU B 125 31.80 -11.72 -14.48
C GLU B 125 31.87 -10.26 -14.05
N ARG B 126 30.71 -9.64 -13.87
CA ARG B 126 30.63 -8.20 -13.65
C ARG B 126 31.23 -7.74 -12.32
N PHE B 127 31.96 -6.63 -12.39
CA PHE B 127 32.64 -6.03 -11.24
C PHE B 127 31.90 -4.84 -10.60
N LYS B 128 30.65 -4.59 -10.98
CA LYS B 128 29.87 -3.51 -10.39
C LYS B 128 29.76 -3.62 -8.86
N SER B 129 30.04 -2.53 -8.17
CA SER B 129 29.93 -2.45 -6.71
C SER B 129 28.46 -2.44 -6.28
N PRO B 130 28.17 -2.87 -5.04
CA PRO B 130 26.76 -2.96 -4.62
C PRO B 130 26.11 -1.60 -4.52
N PRO B 131 24.78 -1.52 -4.75
CA PRO B 131 24.07 -0.26 -4.72
C PRO B 131 24.01 0.31 -3.31
N ILE B 132 23.92 1.63 -3.20
CA ILE B 132 23.86 2.29 -1.90
C ILE B 132 22.45 2.14 -1.34
N LEU B 133 22.35 1.90 -0.03
CA LEU B 133 21.07 1.77 0.65
C LEU B 133 20.22 3.01 0.52
N PRO B 134 18.98 2.85 0.03
CA PRO B 134 18.10 4.02 -0.10
C PRO B 134 17.66 4.52 1.27
N PRO B 135 17.54 5.85 1.44
CA PRO B 135 17.10 6.46 2.71
C PRO B 135 15.70 6.05 3.14
N HIS B 136 14.93 5.44 2.23
CA HIS B 136 13.57 5.04 2.52
C HIS B 136 13.46 3.90 3.54
N LEU B 137 14.26 2.85 3.35
CA LEU B 137 14.21 1.70 4.23
C LEU B 137 14.77 2.00 5.60
N LEU B 138 15.63 3.02 5.67
CA LEU B 138 16.23 3.39 6.94
C LEU B 138 15.19 4.03 7.87
N GLN B 139 14.11 4.57 7.30
CA GLN B 139 13.02 5.10 8.12
C GLN B 139 12.12 3.94 8.56
N VAL B 140 12.09 3.68 9.86
CA VAL B 140 11.39 2.51 10.41
C VAL B 140 10.06 2.92 10.99
N ILE B 141 9.03 2.07 10.82
CA ILE B 141 7.70 2.41 11.31
C ILE B 141 7.39 2.02 12.75
N LEU B 142 8.13 1.08 13.30
CA LEU B 142 7.88 0.66 14.67
C LEU B 142 8.58 1.56 15.67
N ASN B 143 9.70 2.15 15.27
CA ASN B 143 10.43 3.06 16.16
C ASN B 143 9.72 4.41 16.28
N LYS B 144 8.91 4.74 15.29
CA LYS B 144 8.10 5.96 15.31
C LYS B 144 7.10 5.91 16.46
N ASP B 145 7.03 6.98 17.24
CA ASP B 145 6.06 7.09 18.31
C ASP B 145 4.74 7.65 17.82
N THR B 146 3.65 6.93 18.08
CA THR B 146 2.32 7.37 17.69
C THR B 146 1.81 8.42 18.67
N ASN B 147 0.62 8.94 18.40
CA ASN B 147 -0.03 9.88 19.32
C ASN B 147 -0.48 9.15 20.59
N ILE B 148 -0.71 9.90 21.65
CA ILE B 148 -1.12 9.31 22.91
C ILE B 148 -2.64 9.03 22.94
N SER B 149 -3.40 9.83 22.22
CA SER B 149 -4.87 9.73 22.26
C SER B 149 -5.42 8.58 21.43
N CYS B 150 -4.77 8.27 20.31
CA CYS B 150 -5.23 7.22 19.40
C CYS B 150 -4.99 5.82 19.96
N ASP B 151 -5.67 4.83 19.40
CA ASP B 151 -5.50 3.43 19.78
C ASP B 151 -4.05 2.98 19.65
N PRO B 152 -3.53 2.25 20.65
CA PRO B 152 -2.15 1.73 20.65
C PRO B 152 -1.82 0.82 19.44
N ALA B 153 -2.82 0.08 18.96
CA ALA B 153 -2.61 -0.87 17.88
C ALA B 153 -2.46 -0.20 16.53
N LEU B 154 -2.82 1.08 16.44
CA LEU B 154 -2.73 1.80 15.18
C LEU B 154 -1.30 2.23 14.83
N LEU B 155 -1.06 2.40 13.54
CA LEU B 155 0.23 2.86 13.02
C LEU B 155 -0.01 3.77 11.80
N PRO B 156 0.95 4.65 11.47
CA PRO B 156 0.77 5.51 10.29
C PRO B 156 0.78 4.71 8.98
N GLU B 157 0.20 5.28 7.94
CA GLU B 157 0.16 4.62 6.63
C GLU B 157 1.57 4.49 6.05
N PRO B 158 2.04 3.25 5.88
CA PRO B 158 3.42 3.00 5.46
C PRO B 158 3.63 3.32 4.00
N ASN B 159 4.86 3.64 3.62
CA ASN B 159 5.21 3.84 2.22
C ASN B 159 5.28 2.50 1.48
N HIS B 160 4.80 2.48 0.25
CA HIS B 160 4.68 1.22 -0.49
C HIS B 160 6.03 0.56 -0.70
N VAL B 161 7.10 1.37 -0.67
CA VAL B 161 8.43 0.87 -0.95
C VAL B 161 9.03 0.08 0.20
N MET B 162 8.63 0.41 1.41
CA MET B 162 9.16 -0.24 2.61
C MET B 162 8.25 -1.33 3.15
N LEU B 163 7.29 -1.78 2.35
CA LEU B 163 6.30 -2.77 2.81
C LEU B 163 6.88 -4.17 3.01
N ASN B 164 7.27 -4.82 1.93
CA ASN B 164 7.72 -6.20 2.03
C ASN B 164 9.02 -6.38 2.81
N HIS B 165 9.79 -5.30 2.97
CA HIS B 165 11.11 -5.40 3.59
C HIS B 165 11.01 -5.78 5.06
N LEU B 166 11.89 -6.69 5.48
CA LEU B 166 11.92 -7.16 6.86
C LEU B 166 12.55 -6.12 7.78
N TYR B 167 12.06 -6.03 9.02
CA TYR B 167 12.70 -5.20 10.04
C TYR B 167 12.95 -6.04 11.28
N ALA B 168 14.21 -6.33 11.55
CA ALA B 168 14.57 -7.15 12.69
C ALA B 168 15.01 -6.26 13.83
N LEU B 169 14.65 -6.65 15.04
CA LEU B 169 15.06 -5.93 16.24
C LEU B 169 16.25 -6.64 16.87
N SER B 170 17.24 -5.86 17.29
CA SER B 170 18.50 -6.39 17.81
C SER B 170 18.25 -7.45 18.87
N ILE B 171 18.94 -8.58 18.77
CA ILE B 171 18.59 -9.68 19.65
C ILE B 171 19.39 -9.49 20.92
N LYS B 172 18.70 -8.89 21.89
CA LYS B 172 19.25 -8.57 23.21
C LYS B 172 18.77 -9.62 24.20
N ASP B 173 18.10 -10.64 23.68
CA ASP B 173 17.56 -11.71 24.51
C ASP B 173 17.84 -13.07 23.86
N SER B 174 17.36 -14.14 24.47
CA SER B 174 17.53 -15.48 23.93
C SER B 174 16.44 -15.79 22.90
N VAL B 175 15.61 -14.78 22.61
CA VAL B 175 14.55 -14.92 21.62
C VAL B 175 14.70 -13.91 20.48
N MET B 176 14.49 -14.38 19.26
CA MET B 176 14.65 -13.54 18.09
C MET B 176 13.37 -12.75 17.86
N VAL B 177 13.53 -11.50 17.43
CA VAL B 177 12.40 -10.62 17.21
C VAL B 177 12.52 -9.91 15.87
N LEU B 178 11.55 -10.13 15.00
CA LEU B 178 11.60 -9.56 13.65
C LEU B 178 10.19 -9.35 13.09
N SER B 179 10.02 -8.27 12.34
CA SER B 179 8.70 -7.88 11.84
C SER B 179 8.77 -7.42 10.40
N ALA B 180 7.61 -7.26 9.76
CA ALA B 180 7.55 -6.68 8.42
C ALA B 180 6.18 -6.07 8.17
N THR B 181 6.09 -5.07 7.30
CA THR B 181 4.79 -4.45 7.09
C THR B 181 4.16 -4.96 5.81
N HIS B 182 3.27 -5.94 5.93
CA HIS B 182 2.66 -6.54 4.74
C HIS B 182 1.35 -5.84 4.43
N ARG B 183 1.03 -5.70 3.15
CA ARG B 183 -0.18 -5.00 2.78
C ARG B 183 -1.28 -5.97 2.42
N TYR B 184 -2.52 -5.55 2.68
CA TYR B 184 -3.71 -6.27 2.27
C TYR B 184 -4.42 -5.42 1.22
N LYS B 185 -5.59 -5.87 0.77
CA LYS B 185 -6.23 -5.27 -0.40
C LYS B 185 -6.23 -3.73 -0.35
N LYS B 186 -6.95 -3.15 0.60
CA LYS B 186 -6.78 -1.72 0.92
C LYS B 186 -6.08 -1.39 2.24
N LYS B 187 -5.66 -2.41 3.00
CA LYS B 187 -5.15 -2.18 4.36
C LYS B 187 -3.69 -2.61 4.53
N TYR B 188 -3.02 -2.09 5.55
CA TYR B 188 -1.65 -2.48 5.84
C TYR B 188 -1.52 -3.01 7.26
N VAL B 189 -0.64 -4.00 7.47
CA VAL B 189 -0.41 -4.57 8.80
C VAL B 189 1.07 -4.85 9.07
N THR B 190 1.55 -4.44 10.22
CA THR B 190 2.92 -4.73 10.61
C THR B 190 2.94 -5.86 11.62
N THR B 191 3.41 -7.04 11.20
CA THR B 191 3.32 -8.22 12.04
C THR B 191 4.65 -8.54 12.72
N LEU B 192 4.67 -8.46 14.05
CA LEU B 192 5.86 -8.75 14.85
C LEU B 192 5.84 -10.20 15.30
N LEU B 193 7.01 -10.82 15.38
CA LEU B 193 7.11 -12.23 15.79
C LEU B 193 8.26 -12.49 16.76
N TYR B 194 7.94 -13.08 17.91
CA TYR B 194 8.94 -13.50 18.88
C TYR B 194 9.17 -15.01 18.78
N LYS B 195 10.32 -15.38 18.21
CA LYS B 195 10.69 -16.79 18.05
C LYS B 195 12.00 -17.11 18.75
N PRO B 196 11.99 -18.02 19.73
CA PRO B 196 13.21 -18.45 20.44
C PRO B 196 14.30 -18.94 19.50
N ILE B 197 15.56 -18.65 19.86
CA ILE B 197 16.73 -19.03 19.06
C ILE B 197 16.67 -20.44 18.51
N ASN C 2 -37.66 -3.44 15.25
CA ASN C 2 -36.48 -3.28 16.10
C ASN C 2 -35.21 -3.81 15.41
N ASN C 3 -35.30 -5.01 14.87
CA ASN C 3 -34.19 -5.64 14.17
C ASN C 3 -34.14 -5.20 12.71
N SER C 4 -35.03 -4.27 12.35
CA SER C 4 -35.17 -3.81 10.98
C SER C 4 -33.90 -3.23 10.39
N VAL C 5 -33.11 -2.53 11.20
CA VAL C 5 -31.99 -1.75 10.67
C VAL C 5 -30.62 -2.13 11.24
N TYR C 6 -30.46 -2.04 12.56
CA TYR C 6 -29.19 -2.39 13.20
C TYR C 6 -28.74 -3.82 12.89
N THR C 7 -29.69 -4.75 12.82
CA THR C 7 -29.38 -6.15 12.51
C THR C 7 -29.00 -6.33 11.03
N SER C 8 -29.69 -5.60 10.16
CA SER C 8 -29.42 -5.65 8.73
C SER C 8 -28.07 -5.03 8.38
N PHE C 9 -27.74 -3.94 9.06
CA PHE C 9 -26.50 -3.22 8.83
C PHE C 9 -25.27 -4.11 8.99
N MET C 10 -25.27 -4.94 10.03
CA MET C 10 -24.15 -5.84 10.28
C MET C 10 -24.02 -6.92 9.20
N LYS C 11 -25.15 -7.37 8.67
CA LYS C 11 -25.16 -8.39 7.63
C LYS C 11 -24.75 -7.81 6.28
N SER C 12 -24.87 -6.50 6.13
CA SER C 12 -24.59 -5.85 4.85
C SER C 12 -23.15 -5.35 4.73
N HIS C 13 -22.35 -5.58 5.77
CA HIS C 13 -20.95 -5.15 5.75
C HIS C 13 -20.02 -6.25 6.23
N ARG C 14 -18.82 -6.32 5.65
CA ARG C 14 -17.86 -7.35 6.03
C ARG C 14 -17.02 -6.92 7.22
N CYS C 15 -16.21 -7.84 7.73
CA CYS C 15 -15.31 -7.56 8.85
C CYS C 15 -14.11 -6.80 8.31
N TYR C 16 -13.94 -6.90 7.00
CA TYR C 16 -12.88 -6.20 6.28
C TYR C 16 -12.90 -4.70 6.57
N ASP C 17 -14.10 -4.13 6.61
CA ASP C 17 -14.26 -2.68 6.81
C ASP C 17 -13.86 -2.25 8.22
N LEU C 18 -13.93 -3.17 9.16
CA LEU C 18 -13.57 -2.91 10.55
C LEU C 18 -12.05 -2.77 10.71
N ILE C 19 -11.30 -3.47 9.87
CA ILE C 19 -9.83 -3.48 9.92
C ILE C 19 -9.25 -2.11 9.62
N PRO C 20 -8.38 -1.61 10.50
CA PRO C 20 -7.77 -0.29 10.30
C PRO C 20 -6.92 -0.25 9.04
N THR C 21 -6.75 0.94 8.47
CA THR C 21 -5.94 1.11 7.27
C THR C 21 -4.50 0.67 7.52
N SER C 22 -3.96 1.05 8.68
CA SER C 22 -2.64 0.58 9.09
C SER C 22 -2.64 0.26 10.58
N SER C 23 -2.17 -0.94 10.94
CA SER C 23 -2.21 -1.40 12.33
C SER C 23 -1.02 -2.27 12.70
N LYS C 24 -0.86 -2.53 13.99
CA LYS C 24 0.21 -3.36 14.52
C LYS C 24 -0.32 -4.68 15.05
N LEU C 25 0.48 -5.74 14.93
CA LEU C 25 0.12 -7.04 15.47
C LEU C 25 1.37 -7.78 15.95
N VAL C 26 1.29 -8.42 17.11
CA VAL C 26 2.40 -9.25 17.56
C VAL C 26 1.94 -10.69 17.74
N VAL C 27 2.83 -11.64 17.44
CA VAL C 27 2.54 -13.06 17.60
C VAL C 27 3.64 -13.76 18.38
N PHE C 28 3.27 -14.80 19.12
CA PHE C 28 4.21 -15.54 19.94
C PHE C 28 4.29 -17.00 19.51
N ASP C 29 5.50 -17.53 19.43
CA ASP C 29 5.70 -18.96 19.18
C ASP C 29 5.38 -19.75 20.46
N THR C 30 4.81 -20.93 20.30
CA THR C 30 4.45 -21.74 21.45
C THR C 30 5.68 -22.18 22.25
N SER C 31 6.85 -22.11 21.63
CA SER C 31 8.10 -22.50 22.28
C SER C 31 8.62 -21.38 23.19
N LEU C 32 8.06 -20.19 23.04
CA LEU C 32 8.48 -19.04 23.83
C LEU C 32 8.02 -19.18 25.27
N GLN C 33 8.81 -18.65 26.22
CA GLN C 33 8.43 -18.69 27.63
C GLN C 33 7.28 -17.74 27.94
N VAL C 34 6.50 -18.05 28.97
CA VAL C 34 5.33 -17.22 29.30
C VAL C 34 5.74 -15.87 29.88
N LYS C 35 6.80 -15.87 30.70
CA LYS C 35 7.29 -14.66 31.34
C LYS C 35 7.67 -13.62 30.30
N LYS C 36 8.44 -14.06 29.29
CA LYS C 36 8.91 -13.20 28.21
C LYS C 36 7.76 -12.70 27.34
N ALA C 37 6.75 -13.54 27.16
CA ALA C 37 5.61 -13.19 26.33
C ALA C 37 4.81 -12.04 26.95
N PHE C 38 4.65 -12.09 28.26
CA PHE C 38 3.87 -11.07 28.97
C PHE C 38 4.59 -9.73 29.00
N PHE C 39 5.92 -9.75 29.10
CA PHE C 39 6.69 -8.53 29.06
C PHE C 39 6.68 -7.90 27.66
N ALA C 40 6.55 -8.75 26.64
CA ALA C 40 6.51 -8.27 25.26
C ALA C 40 5.20 -7.55 24.98
N LEU C 41 4.17 -7.92 25.72
CA LEU C 41 2.87 -7.31 25.56
C LEU C 41 2.89 -5.84 25.98
N VAL C 42 3.52 -5.56 27.12
CA VAL C 42 3.51 -4.20 27.66
C VAL C 42 4.41 -3.27 26.86
N THR C 43 5.48 -3.81 26.29
CA THR C 43 6.40 -2.99 25.52
C THR C 43 5.77 -2.60 24.18
N ASN C 44 4.90 -3.45 23.66
CA ASN C 44 4.16 -3.15 22.44
C ASN C 44 2.80 -2.48 22.66
N GLY C 45 2.31 -2.50 23.88
CA GLY C 45 1.01 -1.92 24.16
C GLY C 45 -0.17 -2.84 23.87
N VAL C 46 0.06 -3.90 23.10
CA VAL C 46 -1.00 -4.85 22.75
C VAL C 46 -1.42 -5.74 23.92
N ARG C 47 -2.73 -5.95 24.05
CA ARG C 47 -3.28 -6.83 25.09
C ARG C 47 -3.65 -8.23 24.58
N ALA C 48 -3.37 -8.53 23.31
CA ALA C 48 -3.63 -9.87 22.78
C ALA C 48 -2.65 -10.23 21.67
N ALA C 49 -2.21 -11.48 21.64
CA ALA C 49 -1.36 -11.94 20.55
C ALA C 49 -1.71 -13.36 20.10
N PRO C 50 -1.75 -13.58 18.77
CA PRO C 50 -2.02 -14.92 18.26
C PRO C 50 -0.87 -15.89 18.54
N LEU C 51 -1.20 -17.10 18.97
CA LEU C 51 -0.21 -18.13 19.23
C LEU C 51 0.11 -18.97 17.99
N TRP C 52 1.36 -18.96 17.57
CA TRP C 52 1.78 -19.75 16.42
C TRP C 52 2.59 -20.96 16.86
N ASP C 53 2.30 -22.12 16.27
CA ASP C 53 3.08 -23.33 16.54
C ASP C 53 4.01 -23.63 15.37
N SER C 54 5.29 -23.79 15.65
CA SER C 54 6.27 -24.01 14.60
C SER C 54 6.17 -25.42 14.02
N LYS C 55 5.87 -26.40 14.88
CA LYS C 55 5.75 -27.79 14.46
C LYS C 55 4.51 -28.01 13.61
N LYS C 56 3.36 -27.59 14.14
CA LYS C 56 2.09 -27.74 13.44
C LYS C 56 1.98 -26.76 12.26
N GLN C 57 2.79 -25.70 12.31
CA GLN C 57 2.84 -24.69 11.27
C GLN C 57 1.47 -24.02 11.09
N SER C 58 0.83 -23.69 12.22
CA SER C 58 -0.45 -23.01 12.21
C SER C 58 -0.74 -22.29 13.54
N PHE C 59 -1.72 -21.39 13.54
CA PHE C 59 -2.08 -20.69 14.76
C PHE C 59 -2.91 -21.58 15.66
N VAL C 60 -2.39 -21.90 16.85
CA VAL C 60 -3.06 -22.82 17.76
C VAL C 60 -4.12 -22.16 18.65
N GLY C 61 -3.93 -20.90 18.99
CA GLY C 61 -4.81 -20.23 19.93
C GLY C 61 -4.51 -18.76 20.14
N MET C 62 -5.02 -18.21 21.24
CA MET C 62 -4.86 -16.80 21.53
C MET C 62 -4.31 -16.60 22.94
N LEU C 63 -3.61 -15.49 23.14
CA LEU C 63 -3.04 -15.16 24.45
C LEU C 63 -3.43 -13.74 24.84
N THR C 64 -4.21 -13.63 25.91
CA THR C 64 -4.68 -12.34 26.43
C THR C 64 -4.18 -12.12 27.86
N ILE C 65 -4.65 -11.05 28.50
CA ILE C 65 -4.24 -10.76 29.86
C ILE C 65 -4.83 -11.78 30.83
N THR C 66 -5.96 -12.37 30.44
CA THR C 66 -6.61 -13.41 31.24
C THR C 66 -5.68 -14.56 31.56
N ASP C 67 -4.80 -14.87 30.60
CA ASP C 67 -3.83 -15.94 30.79
C ASP C 67 -2.82 -15.55 31.87
N PHE C 68 -2.45 -14.27 31.90
CA PHE C 68 -1.58 -13.76 32.94
C PHE C 68 -2.28 -13.76 34.30
N ILE C 69 -3.60 -13.60 34.29
CA ILE C 69 -4.40 -13.64 35.51
C ILE C 69 -4.51 -15.07 36.01
N ASN C 70 -4.91 -15.97 35.12
CA ASN C 70 -5.07 -17.38 35.46
C ASN C 70 -3.79 -17.94 36.07
N ILE C 71 -2.67 -17.74 35.38
CA ILE C 71 -1.40 -18.29 35.84
C ILE C 71 -0.93 -17.63 37.13
N LEU C 72 -1.35 -16.38 37.36
CA LEU C 72 -0.96 -15.66 38.56
C LEU C 72 -1.72 -16.17 39.79
N HIS C 73 -3.00 -16.46 39.59
CA HIS C 73 -3.82 -17.02 40.65
C HIS C 73 -3.55 -18.51 40.84
N ARG C 74 -3.33 -19.21 39.72
CA ARG C 74 -3.09 -20.66 39.75
C ARG C 74 -1.77 -21.01 40.43
N TYR C 75 -0.67 -20.47 39.92
CA TYR C 75 0.63 -20.75 40.54
C TYR C 75 0.99 -19.55 41.39
N TYR C 76 0.71 -19.65 42.69
CA TYR C 76 1.14 -18.62 43.62
C TYR C 76 1.19 -19.15 45.03
N LYS C 77 2.16 -18.70 45.80
CA LYS C 77 2.33 -19.14 47.17
C LYS C 77 2.28 -17.94 48.09
N SER C 78 3.24 -17.02 47.91
CA SER C 78 3.24 -15.79 48.69
C SER C 78 4.06 -14.69 48.01
N ALA C 79 3.86 -13.46 48.47
CA ALA C 79 4.51 -12.29 47.91
C ALA C 79 6.04 -12.27 48.02
N LEU C 80 6.57 -13.10 48.92
CA LEU C 80 8.00 -13.10 49.23
C LEU C 80 8.66 -14.43 48.86
N VAL C 81 8.09 -15.52 49.38
CA VAL C 81 8.74 -16.82 49.38
C VAL C 81 9.20 -17.41 48.02
N GLN C 82 8.34 -17.48 46.99
CA GLN C 82 8.71 -18.32 45.85
C GLN C 82 8.88 -17.62 44.48
N ILE C 83 7.77 -17.29 43.81
CA ILE C 83 7.72 -16.85 42.38
C ILE C 83 8.06 -17.97 41.38
N TYR C 84 8.33 -19.17 41.89
CA TYR C 84 9.01 -20.23 41.15
C TYR C 84 8.32 -20.82 39.89
N GLU C 85 7.03 -21.15 39.99
CA GLU C 85 6.37 -21.96 38.96
C GLU C 85 6.32 -21.32 37.56
N LEU C 86 5.94 -20.05 37.47
CA LEU C 86 5.70 -19.44 36.15
C LEU C 86 6.97 -19.02 35.44
N GLU C 87 8.03 -18.76 36.19
CA GLU C 87 9.26 -18.22 35.59
C GLU C 87 9.94 -19.22 34.65
N GLU C 88 9.96 -20.49 35.05
CA GLU C 88 10.55 -21.55 34.23
C GLU C 88 9.52 -22.16 33.29
N HIS C 89 8.30 -21.64 33.33
CA HIS C 89 7.21 -22.16 32.50
C HIS C 89 7.25 -21.60 31.09
N LYS C 90 6.68 -22.36 30.15
CA LYS C 90 6.64 -21.97 28.75
C LYS C 90 5.20 -22.01 28.26
N ILE C 91 4.93 -21.33 27.15
CA ILE C 91 3.56 -21.21 26.63
C ILE C 91 2.93 -22.57 26.37
N GLU C 92 3.61 -23.41 25.59
CA GLU C 92 3.09 -24.75 25.28
C GLU C 92 2.93 -25.60 26.54
N THR C 93 3.80 -25.37 27.53
CA THR C 93 3.75 -26.11 28.79
C THR C 93 2.54 -25.68 29.61
N TRP C 94 2.28 -24.38 29.61
CA TRP C 94 1.11 -23.84 30.32
C TRP C 94 -0.18 -24.18 29.58
N ARG C 95 -0.13 -24.19 28.26
CA ARG C 95 -1.25 -24.63 27.44
C ARG C 95 -1.64 -26.07 27.79
N GLU C 96 -0.63 -26.88 28.14
CA GLU C 96 -0.83 -28.28 28.48
C GLU C 96 -1.63 -28.41 29.77
N VAL C 97 -1.27 -27.63 30.78
CA VAL C 97 -1.97 -27.68 32.07
C VAL C 97 -3.28 -26.89 32.02
N TYR C 98 -3.40 -25.99 31.05
CA TYR C 98 -4.63 -25.23 30.84
C TYR C 98 -5.65 -26.07 30.10
N LEU C 99 -5.18 -26.89 29.17
CA LEU C 99 -6.05 -27.79 28.41
C LEU C 99 -6.26 -29.12 29.14
N GLN C 100 -5.54 -29.29 30.25
CA GLN C 100 -5.70 -30.45 31.12
C GLN C 100 -7.15 -30.61 31.55
N ASP C 101 -7.80 -29.49 31.86
CA ASP C 101 -9.19 -29.48 32.29
C ASP C 101 -10.16 -29.64 31.12
N SER C 102 -9.93 -28.87 30.05
CA SER C 102 -10.83 -28.87 28.90
C SER C 102 -10.11 -28.52 27.60
N PHE C 103 -10.66 -28.96 26.47
CA PHE C 103 -10.07 -28.71 25.16
C PHE C 103 -10.91 -27.74 24.32
N LYS C 104 -10.42 -26.51 24.15
CA LYS C 104 -11.05 -25.52 23.29
C LYS C 104 -10.11 -25.01 22.19
N PRO C 105 -10.45 -25.24 20.90
CA PRO C 105 -9.57 -24.79 19.82
C PRO C 105 -9.67 -23.29 19.51
N LEU C 106 -8.84 -22.83 18.59
CA LEU C 106 -8.79 -21.41 18.22
C LEU C 106 -10.01 -21.07 17.36
N VAL C 107 -10.65 -19.94 17.65
CA VAL C 107 -11.71 -19.43 16.80
C VAL C 107 -11.26 -18.15 16.08
N CYS C 108 -11.54 -18.10 14.78
CA CYS C 108 -11.16 -16.96 13.96
C CYS C 108 -12.16 -16.78 12.82
N ILE C 109 -12.29 -15.56 12.33
CA ILE C 109 -13.23 -15.26 11.28
C ILE C 109 -12.53 -14.60 10.08
N SER C 110 -12.96 -14.94 8.87
CA SER C 110 -12.43 -14.35 7.65
C SER C 110 -12.91 -12.92 7.49
N PRO C 111 -12.06 -12.05 6.94
CA PRO C 111 -12.46 -10.65 6.71
C PRO C 111 -13.59 -10.53 5.70
N ASN C 112 -13.77 -11.54 4.86
CA ASN C 112 -14.85 -11.53 3.88
C ASN C 112 -16.22 -11.78 4.51
N ALA C 113 -16.23 -12.44 5.66
CA ALA C 113 -17.48 -12.70 6.38
C ALA C 113 -18.09 -11.40 6.90
N SER C 114 -19.41 -11.40 7.07
CA SER C 114 -20.13 -10.19 7.50
C SER C 114 -19.86 -9.83 8.95
N LEU C 115 -20.14 -8.58 9.32
CA LEU C 115 -20.02 -8.12 10.70
C LEU C 115 -20.97 -8.86 11.62
N PHE C 116 -22.08 -9.35 11.06
CA PHE C 116 -23.05 -10.15 11.81
C PHE C 116 -22.46 -11.49 12.24
N ASP C 117 -21.58 -12.04 11.41
CA ASP C 117 -20.94 -13.33 11.70
C ASP C 117 -19.91 -13.17 12.82
N ALA C 118 -19.32 -11.98 12.91
CA ALA C 118 -18.34 -11.67 13.94
C ALA C 118 -18.98 -11.56 15.31
N VAL C 119 -20.01 -10.73 15.41
CA VAL C 119 -20.69 -10.51 16.68
C VAL C 119 -21.31 -11.80 17.20
N SER C 120 -21.68 -12.69 16.28
CA SER C 120 -22.20 -14.00 16.65
C SER C 120 -21.09 -14.83 17.30
N SER C 121 -19.92 -14.82 16.68
CA SER C 121 -18.78 -15.59 17.17
C SER C 121 -18.29 -15.10 18.53
N LEU C 122 -18.53 -13.83 18.81
CA LEU C 122 -18.13 -13.25 20.09
C LEU C 122 -19.04 -13.73 21.22
N ILE C 123 -20.34 -13.77 20.95
CA ILE C 123 -21.32 -14.19 21.93
C ILE C 123 -21.38 -15.72 22.04
N ARG C 124 -21.37 -16.40 20.89
CA ARG C 124 -21.50 -17.85 20.84
C ARG C 124 -20.33 -18.53 21.55
N ASN C 125 -19.12 -18.03 21.33
CA ASN C 125 -17.93 -18.60 21.96
C ASN C 125 -17.53 -17.91 23.25
N LYS C 126 -18.27 -16.85 23.60
CA LYS C 126 -17.94 -16.01 24.77
C LYS C 126 -16.48 -15.58 24.76
N ILE C 127 -16.12 -14.77 23.77
CA ILE C 127 -14.74 -14.34 23.55
C ILE C 127 -14.67 -12.86 23.19
N HIS C 128 -13.72 -12.15 23.78
CA HIS C 128 -13.50 -10.74 23.50
C HIS C 128 -12.66 -10.47 22.24
N ARG C 129 -11.57 -11.23 22.08
CA ARG C 129 -10.69 -11.05 20.93
C ARG C 129 -10.98 -12.04 19.81
N LEU C 130 -11.45 -11.53 18.67
CA LEU C 130 -11.67 -12.38 17.52
C LEU C 130 -10.69 -12.01 16.42
N PRO C 131 -9.63 -12.81 16.24
CA PRO C 131 -8.65 -12.51 15.19
C PRO C 131 -9.21 -12.73 13.80
N VAL C 132 -9.10 -11.73 12.92
CA VAL C 132 -9.52 -11.93 11.55
C VAL C 132 -8.34 -12.43 10.73
N ILE C 133 -8.54 -13.55 10.06
CA ILE C 133 -7.48 -14.19 9.30
C ILE C 133 -7.94 -14.47 7.88
N ASP C 134 -7.16 -14.00 6.91
CA ASP C 134 -7.43 -14.26 5.50
C ASP C 134 -7.21 -15.74 5.20
N PRO C 135 -8.29 -16.44 4.81
CA PRO C 135 -8.18 -17.90 4.59
C PRO C 135 -7.31 -18.25 3.39
N GLU C 136 -7.28 -17.37 2.39
CA GLU C 136 -6.48 -17.62 1.20
C GLU C 136 -4.98 -17.59 1.51
N SER C 137 -4.54 -16.52 2.16
CA SER C 137 -3.13 -16.38 2.57
C SER C 137 -2.79 -17.04 3.93
N GLY C 138 -3.79 -17.19 4.78
CA GLY C 138 -3.55 -17.72 6.12
C GLY C 138 -2.92 -16.72 7.08
N ASN C 139 -2.90 -15.44 6.71
CA ASN C 139 -2.26 -14.42 7.54
C ASN C 139 -3.22 -13.73 8.49
N THR C 140 -2.81 -13.54 9.74
CA THR C 140 -3.66 -12.84 10.70
C THR C 140 -3.55 -11.35 10.45
N LEU C 141 -4.66 -10.74 10.03
CA LEU C 141 -4.67 -9.33 9.70
C LEU C 141 -4.83 -8.41 10.89
N TYR C 142 -5.85 -8.68 11.71
CA TYR C 142 -6.26 -7.78 12.77
C TYR C 142 -7.05 -8.54 13.84
N ILE C 143 -7.15 -7.96 15.03
CA ILE C 143 -7.91 -8.56 16.11
C ILE C 143 -9.16 -7.74 16.40
N LEU C 144 -10.33 -8.32 16.14
CA LEU C 144 -11.61 -7.66 16.41
C LEU C 144 -11.85 -7.51 17.91
N THR C 145 -12.51 -6.42 18.29
CA THR C 145 -12.81 -6.14 19.70
C THR C 145 -14.20 -5.57 19.80
N HIS C 146 -14.85 -5.78 20.95
CA HIS C 146 -16.17 -5.21 21.19
C HIS C 146 -16.16 -3.70 21.01
N LYS C 147 -15.07 -3.07 21.44
CA LYS C 147 -14.89 -1.63 21.32
C LYS C 147 -14.88 -1.19 19.85
N ARG C 148 -14.12 -1.92 19.05
CA ARG C 148 -13.94 -1.63 17.63
C ARG C 148 -15.28 -1.65 16.88
N ILE C 149 -16.14 -2.61 17.22
CA ILE C 149 -17.41 -2.79 16.52
C ILE C 149 -18.39 -1.67 16.87
N LEU C 150 -18.51 -1.36 18.16
CA LEU C 150 -19.45 -0.34 18.60
C LEU C 150 -19.09 1.03 18.00
N LYS C 151 -17.81 1.36 18.04
CA LYS C 151 -17.34 2.63 17.48
C LYS C 151 -17.68 2.68 16.00
N PHE C 152 -17.35 1.60 15.30
CA PHE C 152 -17.67 1.48 13.89
C PHE C 152 -19.17 1.57 13.65
N LEU C 153 -19.95 1.01 14.57
CA LEU C 153 -21.39 0.99 14.42
C LEU C 153 -21.96 2.40 14.39
N LYS C 154 -21.73 3.16 15.46
CA LYS C 154 -22.34 4.47 15.60
C LYS C 154 -21.76 5.47 14.61
N LEU C 155 -20.48 5.32 14.30
CA LEU C 155 -19.79 6.25 13.41
C LEU C 155 -20.28 6.13 11.97
N PHE C 156 -20.48 4.89 11.51
CA PHE C 156 -20.90 4.66 10.14
C PHE C 156 -22.40 4.45 9.92
N ILE C 157 -23.18 4.29 10.99
CA ILE C 157 -24.62 4.09 10.80
C ILE C 157 -25.28 5.44 10.52
N THR C 158 -26.25 5.45 9.59
CA THR C 158 -26.99 6.66 9.26
C THR C 158 -28.00 7.02 10.36
N GLU C 159 -28.47 8.27 10.35
CA GLU C 159 -29.35 8.77 11.40
C GLU C 159 -30.84 8.42 11.26
N PHE C 160 -31.27 8.02 10.08
CA PHE C 160 -32.65 7.57 9.87
C PHE C 160 -33.02 6.24 10.57
N PRO C 161 -32.13 5.22 10.50
CA PRO C 161 -32.43 3.96 11.17
C PRO C 161 -32.42 3.97 12.70
N LYS C 162 -31.48 4.70 13.31
CA LYS C 162 -31.25 4.63 14.75
C LYS C 162 -32.48 4.90 15.65
N PRO C 163 -33.38 5.83 15.28
CA PRO C 163 -34.44 6.12 16.24
C PRO C 163 -35.56 5.08 16.24
N GLU C 164 -35.40 4.00 17.00
CA GLU C 164 -36.53 3.10 17.23
C GLU C 164 -36.77 2.77 18.72
N PHE C 165 -35.91 1.92 19.28
CA PHE C 165 -35.95 1.58 20.70
C PHE C 165 -34.87 2.25 21.55
N MET C 166 -34.05 3.09 20.92
CA MET C 166 -32.93 3.74 21.61
C MET C 166 -33.42 4.81 22.59
N SER C 167 -34.59 5.36 22.32
CA SER C 167 -35.10 6.47 23.10
C SER C 167 -35.59 6.04 24.48
N LYS C 168 -35.71 4.72 24.68
CA LYS C 168 -36.17 4.19 25.96
C LYS C 168 -35.06 4.12 27.02
N SER C 169 -35.46 4.23 28.29
CA SER C 169 -34.52 4.24 29.39
C SER C 169 -33.93 2.85 29.65
N LEU C 170 -32.68 2.83 30.12
CA LEU C 170 -31.97 1.58 30.39
C LEU C 170 -32.70 0.69 31.39
N GLU C 171 -33.21 1.32 32.46
CA GLU C 171 -33.97 0.63 33.48
C GLU C 171 -35.13 -0.14 32.86
N GLU C 172 -35.84 0.52 31.95
CA GLU C 172 -37.03 -0.04 31.33
C GLU C 172 -36.68 -1.05 30.24
N LEU C 173 -35.47 -0.95 29.70
CA LEU C 173 -35.01 -1.87 28.65
C LEU C 173 -34.50 -3.20 29.19
N GLN C 174 -34.09 -3.21 30.46
CA GLN C 174 -33.58 -4.41 31.13
C GLN C 174 -32.35 -5.02 30.44
N ILE C 175 -31.40 -4.16 30.09
CA ILE C 175 -30.17 -4.59 29.43
C ILE C 175 -28.99 -4.57 30.40
N GLY C 176 -28.34 -5.71 30.57
CA GLY C 176 -27.23 -5.84 31.51
C GLY C 176 -27.53 -6.70 32.73
N THR C 177 -26.48 -7.04 33.48
CA THR C 177 -26.63 -7.85 34.70
C THR C 177 -26.74 -6.99 35.94
N TYR C 178 -27.93 -6.98 36.54
CA TYR C 178 -28.20 -6.29 37.79
C TYR C 178 -28.31 -7.21 39.00
N ALA C 179 -28.08 -8.51 38.80
CA ALA C 179 -28.31 -9.50 39.86
C ALA C 179 -27.15 -9.59 40.85
N ASN C 180 -26.04 -10.17 40.42
CA ASN C 180 -24.88 -10.32 41.28
C ASN C 180 -23.73 -9.48 40.74
N ILE C 181 -23.40 -8.41 41.45
CA ILE C 181 -22.35 -7.52 40.98
C ILE C 181 -21.03 -7.94 41.59
N ALA C 182 -20.12 -8.44 40.77
CA ALA C 182 -18.83 -8.89 41.27
C ALA C 182 -17.93 -7.69 41.49
N MET C 183 -17.56 -7.46 42.75
CA MET C 183 -16.78 -6.28 43.12
C MET C 183 -15.67 -6.65 44.08
N VAL C 184 -14.85 -5.65 44.41
CA VAL C 184 -13.84 -5.81 45.46
C VAL C 184 -13.82 -4.57 46.30
N ARG C 185 -13.27 -4.67 47.52
CA ARG C 185 -13.15 -3.52 48.41
C ARG C 185 -11.96 -2.68 48.01
N THR C 186 -11.75 -1.56 48.69
CA THR C 186 -10.57 -0.76 48.42
C THR C 186 -9.34 -1.38 49.09
N THR C 187 -9.57 -2.12 50.17
CA THR C 187 -8.48 -2.77 50.90
C THR C 187 -8.31 -4.25 50.56
N THR C 188 -9.17 -4.80 49.72
CA THR C 188 -9.04 -6.21 49.32
C THR C 188 -7.80 -6.42 48.46
N PRO C 189 -7.00 -7.45 48.81
CA PRO C 189 -5.76 -7.78 48.09
C PRO C 189 -5.98 -7.99 46.60
N VAL C 190 -4.95 -7.78 45.79
CA VAL C 190 -5.08 -7.93 44.35
C VAL C 190 -5.24 -9.40 43.99
N TYR C 191 -4.76 -10.28 44.85
CA TYR C 191 -4.86 -11.71 44.59
C TYR C 191 -6.32 -12.18 44.59
N VAL C 192 -7.10 -11.71 45.57
CA VAL C 192 -8.50 -12.13 45.68
C VAL C 192 -9.30 -11.53 44.53
N ALA C 193 -8.81 -10.41 44.01
CA ALA C 193 -9.42 -9.80 42.84
C ALA C 193 -9.20 -10.72 41.64
N LEU C 194 -8.00 -11.28 41.56
CA LEU C 194 -7.71 -12.24 40.48
C LEU C 194 -8.54 -13.49 40.70
N GLY C 195 -8.79 -13.80 41.96
CA GLY C 195 -9.59 -14.95 42.33
C GLY C 195 -11.02 -14.84 41.86
N ILE C 196 -11.52 -13.61 41.77
CA ILE C 196 -12.86 -13.37 41.26
C ILE C 196 -12.83 -13.40 39.74
N PHE C 197 -11.71 -12.97 39.17
CA PHE C 197 -11.56 -12.95 37.72
C PHE C 197 -11.57 -14.36 37.14
N VAL C 198 -11.05 -15.33 37.89
CA VAL C 198 -11.04 -16.72 37.43
C VAL C 198 -12.37 -17.42 37.74
N GLN C 199 -13.02 -17.02 38.83
CA GLN C 199 -14.29 -17.63 39.26
C GLN C 199 -15.43 -17.22 38.34
N HIS C 200 -15.39 -15.97 37.89
CA HIS C 200 -16.39 -15.46 36.96
C HIS C 200 -15.74 -15.16 35.60
N ARG C 201 -16.56 -14.81 34.62
CA ARG C 201 -16.07 -14.45 33.30
C ARG C 201 -15.98 -12.93 33.14
N VAL C 202 -16.22 -12.22 34.23
CA VAL C 202 -16.26 -10.75 34.19
C VAL C 202 -14.95 -10.13 33.70
N SER C 203 -15.05 -9.00 33.00
CA SER C 203 -13.87 -8.30 32.50
C SER C 203 -13.33 -7.23 33.46
N ALA C 204 -14.10 -6.88 34.47
CA ALA C 204 -13.65 -5.90 35.48
C ALA C 204 -14.35 -6.05 36.81
N LEU C 205 -13.73 -5.48 37.83
CA LEU C 205 -14.25 -5.50 39.19
C LEU C 205 -14.27 -4.08 39.76
N PRO C 206 -15.43 -3.39 39.66
CA PRO C 206 -15.46 -2.05 40.23
C PRO C 206 -15.24 -2.08 41.75
N VAL C 207 -14.27 -1.31 42.23
CA VAL C 207 -13.96 -1.34 43.66
C VAL C 207 -14.97 -0.47 44.42
N VAL C 208 -15.20 -0.83 45.68
CA VAL C 208 -16.16 -0.10 46.50
C VAL C 208 -15.62 0.18 47.90
N ASP C 209 -16.12 1.24 48.51
CA ASP C 209 -15.77 1.62 49.88
C ASP C 209 -16.69 0.93 50.89
N GLU C 210 -16.66 1.41 52.14
CA GLU C 210 -17.52 0.86 53.19
C GLU C 210 -18.99 0.94 52.79
N LYS C 211 -19.35 2.04 52.15
CA LYS C 211 -20.74 2.29 51.77
C LYS C 211 -21.20 1.42 50.59
N GLY C 212 -20.26 0.92 49.80
CA GLY C 212 -20.59 0.20 48.59
C GLY C 212 -20.65 1.10 47.36
N ARG C 213 -19.95 2.23 47.43
CA ARG C 213 -19.91 3.20 46.35
C ARG C 213 -18.66 3.02 45.48
N VAL C 214 -18.79 3.20 44.17
CA VAL C 214 -17.66 2.98 43.29
C VAL C 214 -16.68 4.15 43.33
N VAL C 215 -15.50 3.92 43.89
CA VAL C 215 -14.47 4.95 43.94
C VAL C 215 -13.36 4.72 42.90
N ASP C 216 -13.41 3.57 42.24
CA ASP C 216 -12.43 3.20 41.22
C ASP C 216 -12.92 1.94 40.52
N ILE C 217 -12.18 1.47 39.51
CA ILE C 217 -12.51 0.24 38.82
C ILE C 217 -11.25 -0.54 38.48
N TYR C 218 -11.30 -1.85 38.71
CA TYR C 218 -10.16 -2.72 38.40
C TYR C 218 -10.52 -3.64 37.25
N SER C 219 -10.02 -3.31 36.06
CA SER C 219 -10.26 -4.06 34.83
C SER C 219 -9.28 -5.21 34.71
N LYS C 220 -9.64 -6.21 33.93
CA LYS C 220 -8.72 -7.29 33.64
C LYS C 220 -7.55 -6.75 32.86
N PHE C 221 -7.71 -5.59 32.25
CA PHE C 221 -6.60 -4.92 31.58
C PHE C 221 -5.63 -4.34 32.61
N ASP C 222 -6.18 -3.89 33.72
CA ASP C 222 -5.38 -3.21 34.74
C ASP C 222 -4.34 -4.11 35.39
N VAL C 223 -4.54 -5.42 35.27
CA VAL C 223 -3.64 -6.35 35.94
C VAL C 223 -2.31 -6.50 35.20
N ILE C 224 -2.27 -6.07 33.94
CA ILE C 224 -1.06 -6.21 33.14
C ILE C 224 -0.02 -5.21 33.61
N ASN C 225 -0.48 -4.16 34.28
CA ASN C 225 0.41 -3.17 34.87
C ASN C 225 1.38 -3.82 35.84
N LEU C 226 0.95 -4.90 36.48
CA LEU C 226 1.80 -5.65 37.39
C LEU C 226 3.03 -6.15 36.66
N ALA C 227 2.82 -6.61 35.43
CA ALA C 227 3.91 -7.05 34.60
C ALA C 227 4.72 -5.85 34.11
N ALA C 228 4.01 -4.77 33.79
CA ALA C 228 4.65 -3.57 33.27
C ALA C 228 5.60 -2.97 34.31
N GLU C 229 5.19 -2.99 35.57
CA GLU C 229 6.00 -2.42 36.64
C GLU C 229 6.87 -3.43 37.39
N LYS C 230 6.81 -4.69 36.95
CA LYS C 230 7.56 -5.78 37.58
C LYS C 230 7.17 -5.98 39.07
N THR C 231 5.92 -5.66 39.38
CA THR C 231 5.40 -5.82 40.74
C THR C 231 4.55 -7.08 40.94
N TYR C 232 4.41 -7.91 39.91
CA TYR C 232 3.55 -9.10 39.97
C TYR C 232 4.00 -10.09 41.04
N ASN C 233 5.24 -9.96 41.49
CA ASN C 233 5.76 -10.78 42.58
C ASN C 233 4.86 -10.69 43.81
N ASN C 234 4.57 -9.47 44.27
CA ASN C 234 3.75 -9.24 45.45
C ASN C 234 2.28 -9.07 45.09
N LEU C 235 1.49 -10.10 45.41
CA LEU C 235 0.06 -10.06 45.17
C LEU C 235 -0.76 -9.78 46.43
N ASP C 236 -0.08 -9.47 47.53
CA ASP C 236 -0.75 -9.20 48.81
C ASP C 236 -1.29 -7.77 48.90
N VAL C 237 -0.82 -6.89 48.01
CA VAL C 237 -1.20 -5.48 48.05
C VAL C 237 -2.66 -5.30 47.67
N SER C 238 -3.27 -4.21 48.13
CA SER C 238 -4.66 -3.89 47.79
C SER C 238 -4.82 -3.39 46.37
N VAL C 239 -6.04 -3.46 45.84
CA VAL C 239 -6.29 -3.02 44.48
C VAL C 239 -6.09 -1.51 44.37
N THR C 240 -6.30 -0.81 45.49
CA THR C 240 -6.10 0.64 45.51
C THR C 240 -4.63 0.96 45.38
N LYS C 241 -3.79 0.13 46.01
CA LYS C 241 -2.35 0.33 45.94
C LYS C 241 -1.84 -0.01 44.56
N ALA C 242 -2.50 -0.96 43.90
CA ALA C 242 -2.14 -1.37 42.56
C ALA C 242 -2.58 -0.31 41.55
N LEU C 243 -3.74 0.27 41.80
CA LEU C 243 -4.27 1.29 40.91
C LEU C 243 -3.68 2.65 41.26
N GLN C 244 -2.77 2.67 42.24
CA GLN C 244 -2.14 3.92 42.67
C GLN C 244 -1.19 4.47 41.62
N HIS C 245 -0.80 3.62 40.67
CA HIS C 245 0.12 4.02 39.62
C HIS C 245 -0.49 5.07 38.70
N ARG C 246 -1.76 4.92 38.38
CA ARG C 246 -2.47 5.85 37.51
C ARG C 246 -3.32 6.87 38.28
N SER C 247 -3.23 6.85 39.61
CA SER C 247 -4.14 7.63 40.47
C SER C 247 -4.15 9.13 40.19
N HIS C 248 -3.07 9.65 39.62
CA HIS C 248 -2.95 11.08 39.33
C HIS C 248 -3.31 11.43 37.88
N TYR C 249 -3.87 10.47 37.15
CA TYR C 249 -3.98 10.55 35.70
C TYR C 249 -5.41 10.33 35.20
N PHE C 250 -6.04 9.23 35.58
CA PHE C 250 -7.46 9.03 35.28
C PHE C 250 -8.32 10.16 35.88
N GLU C 251 -9.40 10.51 35.17
CA GLU C 251 -10.30 11.56 35.60
C GLU C 251 -11.24 11.08 36.72
N GLY C 252 -11.85 9.92 36.50
CA GLY C 252 -12.77 9.34 37.45
C GLY C 252 -13.28 8.01 36.93
N VAL C 253 -14.40 7.54 37.47
CA VAL C 253 -15.02 6.32 36.96
C VAL C 253 -16.23 6.61 36.08
N LEU C 254 -16.13 6.20 34.82
CA LEU C 254 -17.21 6.45 33.86
C LEU C 254 -18.40 5.56 34.22
N LYS C 255 -19.55 6.19 34.45
CA LYS C 255 -20.72 5.47 34.90
C LYS C 255 -21.99 6.10 34.35
N CYS C 256 -23.11 5.39 34.48
CA CYS C 256 -24.41 5.91 34.03
C CYS C 256 -25.51 5.64 35.05
N TYR C 257 -26.73 6.05 34.71
CA TYR C 257 -27.88 5.87 35.59
C TYR C 257 -28.93 5.00 34.93
N LEU C 258 -29.80 4.42 35.75
CA LEU C 258 -30.82 3.52 35.26
C LEU C 258 -31.87 4.25 34.42
N HIS C 259 -32.21 5.47 34.82
CA HIS C 259 -33.25 6.23 34.14
C HIS C 259 -32.79 6.81 32.80
N GLU C 260 -31.49 6.77 32.53
CA GLU C 260 -30.94 7.32 31.29
C GLU C 260 -31.26 6.48 30.05
N THR C 261 -31.32 7.16 28.91
CA THR C 261 -31.66 6.51 27.65
C THR C 261 -30.51 5.69 27.11
N LEU C 262 -30.82 4.70 26.28
CA LEU C 262 -29.81 3.86 25.64
C LEU C 262 -28.98 4.68 24.67
N GLU C 263 -29.61 5.64 24.01
CA GLU C 263 -28.94 6.52 23.07
C GLU C 263 -27.78 7.25 23.75
N THR C 264 -28.03 7.77 24.95
CA THR C 264 -27.02 8.52 25.68
C THR C 264 -25.90 7.61 26.18
N ILE C 265 -26.23 6.36 26.48
CA ILE C 265 -25.25 5.40 26.99
C ILE C 265 -24.23 5.00 25.92
N ILE C 266 -24.73 4.58 24.77
CA ILE C 266 -23.86 4.12 23.69
C ILE C 266 -22.88 5.22 23.28
N ASN C 267 -23.38 6.45 23.17
CA ASN C 267 -22.56 7.58 22.75
C ASN C 267 -21.44 7.88 23.74
N ARG C 268 -21.79 7.86 25.03
CA ARG C 268 -20.80 8.10 26.09
C ARG C 268 -19.81 6.94 26.18
N LEU C 269 -20.28 5.75 25.87
CA LEU C 269 -19.47 4.55 26.00
C LEU C 269 -18.39 4.46 24.91
N VAL C 270 -18.73 4.84 23.68
CA VAL C 270 -17.77 4.83 22.59
C VAL C 270 -16.82 6.02 22.68
N GLU C 271 -17.31 7.12 23.23
CA GLU C 271 -16.51 8.34 23.35
C GLU C 271 -15.47 8.20 24.45
N ALA C 272 -15.82 7.45 25.50
CA ALA C 272 -14.91 7.18 26.61
C ALA C 272 -13.90 6.10 26.25
N GLU C 273 -14.30 5.28 25.28
CA GLU C 273 -13.48 4.19 24.75
C GLU C 273 -13.18 3.11 25.80
N VAL C 274 -14.07 2.97 26.78
CA VAL C 274 -13.94 1.89 27.75
C VAL C 274 -14.87 0.72 27.40
N HIS C 275 -14.77 -0.37 28.15
CA HIS C 275 -15.54 -1.58 27.83
C HIS C 275 -16.87 -1.71 28.58
N ARG C 276 -17.06 -0.93 29.64
CA ARG C 276 -18.30 -1.04 30.41
C ARG C 276 -18.58 0.18 31.29
N LEU C 277 -19.82 0.28 31.75
CA LEU C 277 -20.21 1.33 32.69
C LEU C 277 -20.97 0.75 33.88
N VAL C 278 -20.65 1.22 35.08
CA VAL C 278 -21.34 0.73 36.29
C VAL C 278 -22.51 1.65 36.67
N VAL C 279 -23.74 1.16 36.54
CA VAL C 279 -24.87 2.04 36.77
C VAL C 279 -25.02 2.25 38.27
N VAL C 280 -25.37 3.47 38.66
CA VAL C 280 -25.48 3.84 40.07
C VAL C 280 -26.69 4.76 40.32
N ASP C 281 -26.80 5.25 41.56
CA ASP C 281 -27.89 6.13 41.96
C ASP C 281 -27.31 7.43 42.56
N GLU C 282 -28.15 8.24 43.20
CA GLU C 282 -27.68 9.43 43.90
C GLU C 282 -26.54 9.13 44.87
N ASN C 283 -26.69 8.04 45.63
CA ASN C 283 -25.67 7.63 46.59
C ASN C 283 -24.44 7.05 45.91
N ASP C 284 -24.52 6.85 44.59
CA ASP C 284 -23.44 6.25 43.79
C ASP C 284 -23.10 4.82 44.20
N VAL C 285 -24.08 4.13 44.81
CA VAL C 285 -23.92 2.72 45.14
C VAL C 285 -24.18 1.89 43.88
N VAL C 286 -23.60 0.70 43.84
CA VAL C 286 -23.76 -0.16 42.67
C VAL C 286 -25.19 -0.65 42.49
N LYS C 287 -25.64 -0.67 41.24
CA LYS C 287 -26.95 -1.13 40.85
C LYS C 287 -26.76 -2.29 39.88
N GLY C 288 -26.02 -2.02 38.80
CA GLY C 288 -25.65 -3.04 37.84
C GLY C 288 -24.48 -2.62 36.98
N ILE C 289 -24.20 -3.40 35.94
CA ILE C 289 -23.10 -3.13 35.01
C ILE C 289 -23.54 -3.38 33.58
N VAL C 290 -23.29 -2.42 32.69
CA VAL C 290 -23.62 -2.63 31.30
C VAL C 290 -22.36 -2.66 30.42
N SER C 291 -21.90 -3.86 30.12
CA SER C 291 -20.72 -4.07 29.27
C SER C 291 -21.08 -4.04 27.79
N LEU C 292 -20.08 -3.79 26.95
CA LEU C 292 -20.27 -3.81 25.50
C LEU C 292 -20.97 -5.09 25.07
N SER C 293 -20.64 -6.21 25.71
CA SER C 293 -21.30 -7.49 25.43
C SER C 293 -22.83 -7.37 25.51
N ASP C 294 -23.32 -6.64 26.51
CA ASP C 294 -24.75 -6.43 26.66
C ASP C 294 -25.34 -5.66 25.49
N ILE C 295 -24.69 -4.56 25.10
CA ILE C 295 -25.15 -3.76 23.98
C ILE C 295 -25.11 -4.57 22.67
N LEU C 296 -24.01 -5.27 22.44
CA LEU C 296 -23.86 -6.06 21.23
C LEU C 296 -24.84 -7.23 21.19
N GLN C 297 -25.07 -7.86 22.34
CA GLN C 297 -25.96 -9.02 22.41
C GLN C 297 -27.42 -8.59 22.36
N ALA C 298 -27.68 -7.33 22.69
CA ALA C 298 -29.04 -6.80 22.68
C ALA C 298 -29.45 -6.34 21.29
N LEU C 299 -28.50 -6.38 20.37
CA LEU C 299 -28.70 -5.94 19.00
C LEU C 299 -28.97 -7.12 18.08
N VAL C 300 -28.09 -8.11 18.08
CA VAL C 300 -28.21 -9.29 17.24
C VAL C 300 -29.60 -9.95 17.27
N LEU C 301 -30.27 -9.92 18.42
CA LEU C 301 -31.61 -10.48 18.54
C LEU C 301 -32.58 -9.47 19.13
C1 GLC D . 19.74 -12.35 -67.31
C2 GLC D . 20.23 -12.27 -65.86
C3 GLC D . 19.25 -11.58 -64.98
C4 GLC D . 18.85 -10.30 -65.44
C5 GLC D . 18.58 -10.22 -66.93
C6 GLC D . 18.62 -8.84 -67.42
O2 GLC D . 20.49 -13.57 -65.39
O3 GLC D . 19.83 -11.49 -63.64
O4 GLC D . 17.61 -9.91 -64.70
O5 GLC D . 19.48 -11.06 -67.80
O6 GLC D . 17.69 -8.47 -68.40
C1 GLC D . 17.66 -8.60 -64.06
C2 GLC D . 17.28 -8.73 -62.61
C3 GLC D . 15.83 -9.18 -62.47
C4 GLC D . 14.88 -8.41 -63.34
C5 GLC D . 15.47 -8.10 -64.72
C6 GLC D . 14.69 -7.01 -65.42
O2 GLC D . 18.14 -9.62 -61.96
O3 GLC D . 15.45 -9.11 -61.14
O4 GLC D . 13.67 -9.18 -63.48
O5 GLC D . 16.82 -7.72 -64.69
O6 GLC D . 15.15 -6.59 -66.67
C1 GLC D . 12.48 -8.47 -63.22
C2 GLC D . 11.75 -9.10 -61.97
C3 GLC D . 11.06 -10.41 -62.30
C4 GLC D . 10.33 -10.37 -63.53
C5 GLC D . 11.12 -9.79 -64.68
C6 GLC D . 10.35 -9.71 -65.97
O2 GLC D . 12.63 -9.24 -60.92
O3 GLC D . 10.21 -10.80 -61.21
O4 GLC D . 9.91 -11.75 -63.86
O5 GLC D . 11.71 -8.51 -64.36
O6 GLC D . 11.00 -9.10 -67.04
C1 GLC D . 8.50 -11.96 -63.74
C2 GLC D . 8.23 -13.28 -63.06
C3 GLC D . 8.58 -14.48 -63.94
C4 GLC D . 8.07 -14.35 -65.35
C5 GLC D . 8.29 -12.97 -65.92
C6 GLC D . 7.57 -12.76 -67.24
O2 GLC D . 8.92 -13.34 -61.86
O3 GLC D . 8.12 -15.64 -63.31
O4 GLC D . 8.61 -15.41 -66.19
O5 GLC D . 7.93 -11.90 -65.01
O6 GLC D . 8.37 -12.51 -68.36
C1 GLC D . 7.76 -16.16 -66.98
C2 GLC D . 8.00 -17.69 -66.73
C3 GLC D . 9.40 -18.10 -67.20
C4 GLC D . 9.84 -17.52 -68.46
C5 GLC D . 9.35 -16.15 -68.75
C6 GLC D . 9.39 -15.86 -70.24
O2 GLC D . 7.80 -17.99 -65.44
O3 GLC D . 9.47 -19.54 -67.27
O4 GLC D . 11.32 -17.47 -68.43
O5 GLC D . 8.01 -15.85 -68.30
O6 GLC D . 8.20 -15.97 -70.92
C1 GLC D . 11.98 -18.11 -69.51
C2 GLC D . 12.87 -19.24 -68.93
C3 GLC D . 14.22 -18.66 -68.45
C4 GLC D . 14.91 -17.83 -69.45
C5 GLC D . 14.05 -17.31 -70.55
C6 GLC D . 14.25 -18.12 -71.83
O2 GLC D . 12.23 -19.88 -67.92
O3 GLC D . 15.06 -19.72 -68.03
O4 GLC D . 15.53 -16.68 -68.77
O5 GLC D . 12.65 -17.15 -70.25
O6 GLC D . 15.34 -17.81 -72.64
C1 GLC D . 16.88 -16.42 -69.16
C2 GLC D . 17.80 -16.80 -67.98
C3 GLC D . 18.27 -15.57 -67.18
C4 GLC D . 18.83 -14.47 -68.04
C5 GLC D . 18.22 -14.44 -69.45
C6 GLC D . 19.20 -14.97 -70.49
O2 GLC D . 17.15 -17.67 -67.15
O3 GLC D . 19.22 -15.98 -66.25
O4 GLC D . 18.59 -13.20 -67.40
O5 GLC D . 16.98 -15.10 -69.57
O6 GLC D . 20.09 -14.08 -71.04
O4 STU E . 4.91 16.08 -30.15
C25 STU E . 4.32 17.32 -29.92
C24 STU E . 4.97 18.10 -28.78
C23 STU E . 5.26 17.23 -27.55
C22 STU E . 5.99 15.95 -27.97
C21 STU E . 5.20 15.26 -29.07
C26 STU E . 6.24 14.37 -29.74
N2 STU E . 4.05 14.45 -28.64
C18 STU E . 2.74 14.90 -28.79
C19 STU E . 2.23 16.10 -29.31
C6 STU E . 0.85 16.33 -29.35
C7 STU E . -0.03 15.34 -28.87
C10 STU E . 0.48 14.15 -28.36
C11 STU E . 1.85 13.93 -28.32
C12 STU E . 2.68 12.81 -27.87
C17 STU E . 4.03 13.17 -28.09
C16 STU E . 5.04 12.26 -27.71
C15 STU E . 4.68 11.04 -27.17
C14 STU E . 3.36 10.70 -26.96
C13 STU E . 2.34 11.57 -27.31
C9 STU E . -0.69 13.31 -27.95
N1 STU E . -1.89 14.10 -28.24
C8 STU E . -1.51 15.27 -28.78
O5 STU E . -2.29 16.14 -29.13
C5 STU E . 0.69 17.67 -29.94
C20 STU E . 1.99 18.16 -30.20
C1 STU E . 2.17 19.42 -30.78
C2 STU E . 1.04 20.17 -31.05
C3 STU E . -0.23 19.70 -30.79
C4 STU E . -0.44 18.45 -30.23
N3 STU E . 2.88 17.18 -29.80
O6 STU E . 6.10 15.07 -26.85
C27 STU E . 7.43 15.17 -26.34
N4 STU E . 4.01 16.85 -26.88
C28 STU E . 4.16 17.06 -25.45
N1 EPE F . -5.07 -0.32 -42.03
C2 EPE F . -4.34 -0.70 -40.81
C3 EPE F . -3.85 -2.13 -40.93
N4 EPE F . -3.08 -2.30 -42.15
C5 EPE F . -3.79 -2.02 -43.37
C6 EPE F . -4.39 -0.62 -43.31
C7 EPE F . -1.65 -2.09 -42.06
C8 EPE F . -0.97 -1.67 -43.36
O8 EPE F . -1.16 -0.29 -43.56
C9 EPE F . -6.43 -0.88 -41.98
C10 EPE F . -7.13 -0.51 -43.27
S EPE F . -8.91 -0.37 -43.04
O1S EPE F . -9.48 0.11 -44.30
O2S EPE F . -9.11 0.60 -41.96
O3S EPE F . -9.43 -1.69 -42.70
P AMP G . -10.70 -13.00 26.94
O1P AMP G . -9.68 -12.10 27.76
O2P AMP G . -10.81 -12.84 25.38
O3P AMP G . -12.00 -12.79 27.52
O5' AMP G . -10.36 -14.52 27.25
C5' AMP G . -9.02 -14.98 27.16
C4' AMP G . -8.94 -16.46 27.43
O4' AMP G . -9.88 -17.16 26.59
C3' AMP G . -7.58 -17.10 27.22
O3' AMP G . -7.26 -17.99 28.28
C2' AMP G . -7.69 -17.87 25.90
O2' AMP G . -7.18 -19.18 25.95
C1' AMP G . -9.20 -17.87 25.58
N9 AMP G . -9.51 -17.27 24.28
C8 AMP G . -9.86 -15.99 24.05
N7 AMP G . -10.04 -15.81 22.71
C5 AMP G . -9.80 -16.99 22.10
C6 AMP G . -9.85 -17.39 20.75
N6 AMP G . -10.21 -16.41 19.68
N1 AMP G . -9.53 -18.67 20.46
C2 AMP G . -9.21 -19.54 21.42
N3 AMP G . -9.16 -19.19 22.72
C4 AMP G . -9.46 -17.92 23.08
P AMP H . -11.16 -2.12 29.00
O1P AMP H . -10.22 -3.40 28.87
O2P AMP H . -12.39 -2.16 29.98
O3P AMP H . -11.56 -1.78 27.66
O5' AMP H . -10.25 -0.95 29.53
C5' AMP H . -9.48 -1.12 30.71
C4' AMP H . -8.83 0.16 31.12
O4' AMP H . -9.79 1.23 31.01
C3' AMP H . -8.31 0.18 32.54
O3' AMP H . -7.12 0.97 32.63
C2' AMP H . -9.42 0.84 33.33
O2' AMP H . -8.93 1.63 34.39
C1' AMP H . -10.16 1.69 32.29
N9 AMP H . -11.61 1.60 32.40
C8 AMP H . -12.38 0.60 31.93
N7 AMP H . -13.67 0.85 32.25
C5 AMP H . -13.72 2.02 32.94
C6 AMP H . -14.77 2.76 33.52
N6 AMP H . -16.18 2.30 33.45
N1 AMP H . -14.48 3.91 34.16
C2 AMP H . -13.21 4.34 34.23
N3 AMP H . -12.19 3.66 33.70
C4 AMP H . -12.42 2.49 33.05
P AMP I . -17.46 -8.78 29.94
O1P AMP I . -17.47 -8.23 28.45
O2P AMP I . -17.27 -7.79 31.14
O3P AMP I . -16.49 -9.83 30.02
O5' AMP I . -18.85 -9.49 30.20
C5' AMP I . -20.04 -8.74 30.02
C4' AMP I . -21.24 -9.45 30.59
O4' AMP I . -20.98 -9.80 31.97
C3' AMP I . -22.51 -8.62 30.57
O3' AMP I . -23.64 -9.45 30.33
C2' AMP I . -22.54 -8.00 31.97
O2' AMP I . -23.85 -7.78 32.47
C1' AMP I . -21.76 -9.00 32.84
N9 AMP I . -20.85 -8.36 33.80
C8 AMP I . -19.95 -7.39 33.53
N7 AMP I . -19.27 -7.06 34.65
C5 AMP I . -19.73 -7.84 35.65
C6 AMP I . -19.40 -7.93 37.02
N6 AMP I . -18.35 -7.08 37.64
N1 AMP I . -20.06 -8.82 37.76
C2 AMP I . -21.01 -9.60 37.22
N3 AMP I . -21.37 -9.54 35.93
C4 AMP I . -20.73 -8.66 35.12
#